data_3BFE
#
_entry.id   3BFE
#
_cell.length_a   188.099
_cell.length_b   73.655
_cell.length_c   105.409
_cell.angle_alpha   90.00
_cell.angle_beta   121.67
_cell.angle_gamma   90.00
#
_symmetry.space_group_name_H-M   'C 1 2 1'
#
loop_
_entity.id
_entity.type
_entity.pdbx_description
1 polymer 'Class A beta-lactamase Sed1'
2 non-polymer 'THIOCYANATE ION'
3 water water
#
_entity_poly.entity_id   1
_entity_poly.type   'polypeptide(L)'
_entity_poly.pdbx_seq_one_letter_code
;VQQVQKKLAALEKQSGGRLGVALINTADNSQVLYRADERFAMCSTSKVMTAAAVLKQSETHDGILQQKMTIKKADLTNWN
PVTEKYVGNTMTLAELSAATLQYSDNTAMNKLLAHLGGPGNVTAFARSIGDTTFRLDRKEPELNTAIPGDERDTTSPLAM
AKSLRKLTLGDALAGPQRAQLVDWLKGNTTGGQSIRAGLPAHWVVGDKTGAGDYGTTNDIAVIWPEDRAPLVLVTYFTQP
QQDAKWRKDVLAAAAKIVTEGK
;
_entity_poly.pdbx_strand_id   A,B,C,D
#
loop_
_chem_comp.id
_chem_comp.type
_chem_comp.name
_chem_comp.formula
SCN non-polymer 'THIOCYANATE ION' 'C N S -1'
#
# COMPACT_ATOMS: atom_id res chain seq x y z
N VAL A 1 -30.40 -36.64 19.90
CA VAL A 1 -31.78 -36.11 20.10
C VAL A 1 -32.13 -36.04 21.58
N GLN A 2 -32.47 -37.21 22.13
CA GLN A 2 -32.74 -37.36 23.53
C GLN A 2 -31.51 -38.03 24.09
N GLN A 3 -30.68 -38.43 23.13
CA GLN A 3 -29.42 -39.09 23.39
C GLN A 3 -28.33 -38.02 23.42
N VAL A 4 -28.73 -36.78 23.18
CA VAL A 4 -27.81 -35.66 23.22
C VAL A 4 -27.67 -35.28 24.69
N GLN A 5 -28.79 -35.33 25.41
CA GLN A 5 -28.81 -35.02 26.83
C GLN A 5 -28.05 -36.07 27.62
N LYS A 6 -28.15 -37.32 27.19
CA LYS A 6 -27.45 -38.41 27.87
C LYS A 6 -25.94 -38.25 27.72
N LYS A 7 -25.51 -37.91 26.51
CA LYS A 7 -24.08 -37.73 26.23
C LYS A 7 -23.53 -36.54 27.01
N LEU A 8 -24.24 -35.42 26.98
CA LEU A 8 -23.80 -34.23 27.71
C LEU A 8 -23.71 -34.53 29.21
N ALA A 9 -24.74 -35.18 29.74
CA ALA A 9 -24.77 -35.53 31.16
C ALA A 9 -23.57 -36.40 31.53
N ALA A 10 -23.23 -37.34 30.65
CA ALA A 10 -22.12 -38.25 30.86
C ALA A 10 -20.76 -37.55 30.64
N LEU A 11 -20.74 -36.57 29.76
CA LEU A 11 -19.50 -35.83 29.49
C LEU A 11 -19.14 -34.99 30.71
N GLU A 12 -20.16 -34.45 31.38
CA GLU A 12 -19.94 -33.64 32.57
C GLU A 12 -19.44 -34.50 33.74
N LYS A 13 -20.07 -35.66 33.92
CA LYS A 13 -19.73 -36.58 35.00
C LYS A 13 -18.26 -37.01 34.91
N GLN A 14 -17.79 -37.25 33.69
CA GLN A 14 -16.42 -37.68 33.46
C GLN A 14 -15.43 -36.52 33.65
N SER A 15 -15.88 -35.30 33.39
CA SER A 15 -15.03 -34.13 33.52
C SER A 15 -14.75 -33.72 34.97
N GLY A 16 -15.68 -34.03 35.87
CA GLY A 16 -15.49 -33.66 37.26
C GLY A 16 -15.79 -32.19 37.52
N GLY A 17 -16.38 -31.51 36.55
CA GLY A 17 -16.73 -30.11 36.72
C GLY A 17 -18.21 -29.83 36.54
N ARG A 18 -18.53 -28.59 36.19
CA ARG A 18 -19.91 -28.15 35.96
C ARG A 18 -19.96 -27.58 34.54
N LEU A 19 -20.80 -28.16 33.70
CA LEU A 19 -20.91 -27.75 32.30
C LEU A 19 -22.16 -26.96 31.95
N GLY A 20 -21.99 -25.96 31.08
CA GLY A 20 -23.09 -25.13 30.65
C GLY A 20 -23.09 -24.99 29.14
N VAL A 21 -24.19 -25.39 28.50
CA VAL A 21 -24.32 -25.32 27.06
C VAL A 21 -25.67 -24.81 26.58
N ALA A 22 -25.62 -23.95 25.56
CA ALA A 22 -26.82 -23.41 24.95
C ALA A 22 -26.54 -23.34 23.45
N LEU A 23 -27.34 -24.07 22.69
CA LEU A 23 -27.20 -24.07 21.24
C LEU A 23 -28.48 -23.52 20.61
N ILE A 24 -28.33 -22.60 19.68
CA ILE A 24 -29.48 -22.05 18.99
C ILE A 24 -29.28 -22.29 17.50
N ASN A 25 -30.16 -23.10 16.93
CA ASN A 25 -30.12 -23.44 15.51
C ASN A 25 -31.01 -22.42 14.83
N THR A 26 -30.41 -21.44 14.15
CA THR A 26 -31.20 -20.40 13.48
C THR A 26 -32.02 -20.91 12.30
N ALA A 27 -31.84 -22.17 11.92
CA ALA A 27 -32.61 -22.71 10.80
C ALA A 27 -34.09 -22.81 11.16
N ASP A 28 -34.38 -23.20 12.40
CA ASP A 28 -35.76 -23.34 12.86
C ASP A 28 -35.99 -22.81 14.27
N ASN A 29 -34.96 -22.15 14.81
CA ASN A 29 -35.02 -21.57 16.15
C ASN A 29 -35.09 -22.58 17.30
N SER A 30 -34.74 -23.84 17.01
CA SER A 30 -34.74 -24.86 18.05
C SER A 30 -33.49 -24.66 18.91
N GLN A 31 -33.50 -25.22 20.14
CA GLN A 31 -32.36 -25.05 21.05
C GLN A 31 -31.94 -26.32 21.81
N VAL A 32 -30.66 -26.40 22.14
CA VAL A 32 -30.14 -27.51 22.94
C VAL A 32 -29.66 -26.87 24.25
N LEU A 33 -30.36 -27.16 25.36
CA LEU A 33 -30.01 -26.56 26.65
C LEU A 33 -29.55 -27.52 27.76
N TYR A 34 -28.45 -27.17 28.39
CA TYR A 34 -27.87 -27.94 29.49
C TYR A 34 -27.40 -26.93 30.53
N ARG A 35 -28.13 -26.84 31.64
CA ARG A 35 -27.81 -25.87 32.69
C ARG A 35 -27.75 -24.49 32.04
N ALA A 36 -28.58 -24.29 31.01
CA ALA A 36 -28.60 -23.04 30.26
C ALA A 36 -28.95 -21.78 31.04
N ASP A 37 -29.62 -21.93 32.18
CA ASP A 37 -29.99 -20.78 32.97
C ASP A 37 -29.10 -20.50 34.18
N GLU A 38 -28.11 -21.36 34.41
CA GLU A 38 -27.19 -21.17 35.54
C GLU A 38 -26.11 -20.14 35.20
N ARG A 39 -25.61 -19.43 36.20
CA ARG A 39 -24.56 -18.42 35.98
C ARG A 39 -23.16 -19.02 35.98
N PHE A 40 -22.28 -18.47 35.14
CA PHE A 40 -20.87 -18.90 35.04
C PHE A 40 -20.05 -17.63 34.92
N ALA A 41 -18.81 -17.67 35.41
CA ALA A 41 -17.92 -16.51 35.31
C ALA A 41 -17.48 -16.38 33.85
N MET A 42 -17.91 -15.32 33.20
CA MET A 42 -17.60 -15.13 31.78
C MET A 42 -16.13 -15.12 31.40
N CYS A 43 -15.31 -14.50 32.25
CA CYS A 43 -13.88 -14.36 32.01
C CYS A 43 -13.67 -13.56 30.72
N SER A 44 -12.76 -14.00 29.87
CA SER A 44 -12.48 -13.28 28.63
C SER A 44 -13.64 -13.22 27.62
N THR A 45 -14.64 -14.08 27.75
CA THR A 45 -15.78 -14.02 26.81
C THR A 45 -16.55 -12.71 26.99
N SER A 46 -16.34 -12.05 28.13
CA SER A 46 -17.01 -10.79 28.39
C SER A 46 -16.47 -9.70 27.48
N LYS A 47 -15.33 -9.94 26.86
CA LYS A 47 -14.75 -8.95 25.95
C LYS A 47 -15.60 -8.72 24.69
N VAL A 48 -16.48 -9.65 24.34
CA VAL A 48 -17.30 -9.45 23.15
C VAL A 48 -18.31 -8.34 23.40
N MET A 49 -19.04 -8.42 24.51
CA MET A 49 -20.03 -7.40 24.86
C MET A 49 -19.34 -6.05 25.01
N THR A 50 -18.12 -6.05 25.54
CA THR A 50 -17.36 -4.82 25.74
C THR A 50 -16.98 -4.17 24.41
N ALA A 51 -16.44 -4.96 23.49
CA ALA A 51 -16.04 -4.47 22.18
C ALA A 51 -17.28 -3.97 21.41
N ALA A 52 -18.40 -4.66 21.58
CA ALA A 52 -19.63 -4.28 20.91
C ALA A 52 -20.15 -2.93 21.40
N ALA A 53 -19.90 -2.62 22.68
CA ALA A 53 -20.32 -1.34 23.25
C ALA A 53 -19.59 -0.21 22.53
N VAL A 54 -18.31 -0.42 22.23
CA VAL A 54 -17.52 0.60 21.53
C VAL A 54 -18.02 0.76 20.08
N LEU A 55 -18.35 -0.37 19.43
CA LEU A 55 -18.85 -0.34 18.05
C LEU A 55 -20.18 0.39 18.00
N LYS A 56 -20.97 0.24 19.05
CA LYS A 56 -22.26 0.92 19.11
C LYS A 56 -21.99 2.41 19.09
N GLN A 57 -21.01 2.86 19.89
CA GLN A 57 -20.64 4.27 19.93
C GLN A 57 -20.27 4.80 18.55
N SER A 58 -19.52 4.01 17.79
CA SER A 58 -19.07 4.43 16.47
C SER A 58 -20.21 4.73 15.52
N GLU A 59 -21.39 4.18 15.79
CA GLU A 59 -22.57 4.42 14.96
C GLU A 59 -23.05 5.86 15.03
N THR A 60 -22.68 6.56 16.10
CA THR A 60 -23.08 7.95 16.32
C THR A 60 -21.91 8.93 16.19
N HIS A 61 -20.79 8.59 16.82
CA HIS A 61 -19.60 9.44 16.78
C HIS A 61 -18.67 8.94 15.68
N ASP A 62 -18.71 9.63 14.55
CA ASP A 62 -17.90 9.28 13.39
C ASP A 62 -16.39 9.33 13.65
N GLY A 63 -15.68 8.28 13.21
CA GLY A 63 -14.25 8.21 13.38
C GLY A 63 -13.76 7.87 14.78
N ILE A 64 -14.67 7.53 15.69
CA ILE A 64 -14.27 7.21 17.05
C ILE A 64 -13.26 6.06 17.13
N LEU A 65 -13.40 5.09 16.25
CA LEU A 65 -12.51 3.93 16.22
C LEU A 65 -11.06 4.30 15.88
N GLN A 66 -10.87 5.53 15.39
CA GLN A 66 -9.54 6.03 15.04
C GLN A 66 -8.96 6.89 16.16
N GLN A 67 -9.71 7.01 17.25
CA GLN A 67 -9.26 7.77 18.41
C GLN A 67 -8.12 7.02 19.09
N LYS A 68 -7.11 7.75 19.51
CA LYS A 68 -5.93 7.17 20.15
C LYS A 68 -5.89 7.28 21.67
N MET A 69 -5.10 6.39 22.27
CA MET A 69 -4.87 6.34 23.71
C MET A 69 -3.38 5.99 23.84
N THR A 70 -2.69 6.55 24.82
CA THR A 70 -1.28 6.21 24.95
C THR A 70 -1.07 4.99 25.86
N ILE A 71 -0.06 4.20 25.54
CA ILE A 71 0.25 3.00 26.32
C ILE A 71 1.45 3.30 27.21
N LYS A 72 1.26 3.18 28.52
CA LYS A 72 2.33 3.44 29.48
C LYS A 72 2.76 2.12 30.11
N LYS A 73 4.04 1.98 30.42
CA LYS A 73 4.55 0.76 31.02
C LYS A 73 3.80 0.39 32.29
N ALA A 74 3.13 1.36 32.91
CA ALA A 74 2.38 1.13 34.13
C ALA A 74 0.98 0.60 33.81
N ASP A 75 0.65 0.53 32.53
CA ASP A 75 -0.66 0.03 32.10
C ASP A 75 -0.59 -1.49 31.94
N LEU A 76 0.60 -1.98 31.61
CA LEU A 76 0.81 -3.42 31.41
C LEU A 76 0.27 -4.22 32.58
N THR A 77 -0.26 -5.40 32.27
CA THR A 77 -0.86 -6.27 33.28
C THR A 77 -0.21 -7.65 33.21
N ASN A 78 -0.98 -8.72 33.41
CA ASN A 78 -0.44 -10.08 33.37
C ASN A 78 -0.34 -10.65 31.94
N TRP A 79 -1.13 -10.11 31.02
CA TRP A 79 -1.12 -10.60 29.64
C TRP A 79 -1.15 -9.41 28.68
N ASN A 80 -0.03 -9.15 28.00
CA ASN A 80 0.05 -8.02 27.06
C ASN A 80 0.74 -8.43 25.76
N PRO A 81 0.24 -9.48 25.08
CA PRO A 81 0.87 -9.91 23.82
C PRO A 81 1.07 -8.83 22.77
N VAL A 82 0.12 -7.90 22.67
CA VAL A 82 0.19 -6.83 21.68
C VAL A 82 0.60 -5.48 22.29
N THR A 83 -0.13 -5.06 23.32
CA THR A 83 0.12 -3.78 23.97
C THR A 83 1.54 -3.51 24.43
N GLU A 84 2.28 -4.57 24.79
CA GLU A 84 3.65 -4.41 25.26
C GLU A 84 4.59 -3.91 24.16
N LYS A 85 4.16 -4.03 22.91
CA LYS A 85 4.96 -3.60 21.78
C LYS A 85 4.80 -2.12 21.52
N TYR A 86 3.79 -1.52 22.14
CA TYR A 86 3.49 -0.10 21.96
C TYR A 86 3.82 0.79 23.16
N VAL A 87 4.45 0.23 24.19
CA VAL A 87 4.78 1.04 25.38
C VAL A 87 5.48 2.34 25.00
N GLY A 88 4.95 3.47 25.47
CA GLY A 88 5.52 4.76 25.15
C GLY A 88 4.97 5.31 23.85
N ASN A 89 4.02 4.56 23.27
CA ASN A 89 3.39 4.96 22.01
C ASN A 89 1.88 4.88 22.15
N THR A 90 1.18 5.11 21.04
CA THR A 90 -0.29 5.06 21.04
C THR A 90 -0.91 3.93 20.23
N MET A 91 -2.20 3.70 20.49
CA MET A 91 -2.98 2.67 19.82
C MET A 91 -4.40 3.19 19.61
N THR A 92 -4.99 2.90 18.46
CA THR A 92 -6.34 3.36 18.18
C THR A 92 -7.33 2.41 18.85
N LEU A 93 -8.56 2.87 19.03
CA LEU A 93 -9.58 2.03 19.64
C LEU A 93 -9.83 0.77 18.80
N ALA A 94 -9.55 0.88 17.49
CA ALA A 94 -9.70 -0.26 16.59
C ALA A 94 -8.62 -1.30 16.86
N GLU A 95 -7.38 -0.84 17.09
CA GLU A 95 -6.27 -1.75 17.36
C GLU A 95 -6.47 -2.41 18.73
N LEU A 96 -6.96 -1.64 19.71
CA LEU A 96 -7.19 -2.15 21.05
C LEU A 96 -8.29 -3.20 21.00
N SER A 97 -9.36 -2.92 20.25
CA SER A 97 -10.46 -3.86 20.12
C SER A 97 -9.97 -5.14 19.48
N ALA A 98 -9.13 -5.01 18.47
CA ALA A 98 -8.60 -6.16 17.76
C ALA A 98 -7.68 -6.95 18.69
N ALA A 99 -6.84 -6.24 19.42
CA ALA A 99 -5.90 -6.87 20.34
C ALA A 99 -6.58 -7.64 21.45
N THR A 100 -7.73 -7.15 21.92
CA THR A 100 -8.41 -7.83 23.02
C THR A 100 -9.30 -8.99 22.56
N LEU A 101 -9.79 -8.94 21.33
CA LEU A 101 -10.65 -10.01 20.83
C LEU A 101 -9.92 -11.19 20.22
N GLN A 102 -8.87 -10.91 19.44
CA GLN A 102 -8.12 -11.93 18.74
C GLN A 102 -6.89 -12.51 19.46
N TYR A 103 -6.44 -11.83 20.51
CA TYR A 103 -5.27 -12.27 21.28
C TYR A 103 -5.58 -12.23 22.77
N SER A 104 -6.80 -11.82 23.09
CA SER A 104 -7.28 -11.75 24.47
C SER A 104 -6.33 -10.92 25.33
N ASP A 105 -5.79 -9.85 24.76
CA ASP A 105 -4.87 -8.98 25.47
C ASP A 105 -5.61 -8.33 26.65
N ASN A 106 -5.07 -8.49 27.86
CA ASN A 106 -5.69 -7.92 29.05
C ASN A 106 -5.53 -6.41 29.18
N THR A 107 -4.37 -5.88 28.81
CA THR A 107 -4.15 -4.45 28.90
C THR A 107 -5.08 -3.71 27.93
N ALA A 108 -5.33 -4.32 26.78
CA ALA A 108 -6.21 -3.71 25.79
C ALA A 108 -7.65 -3.64 26.31
N MET A 109 -8.04 -4.63 27.09
CA MET A 109 -9.38 -4.67 27.67
C MET A 109 -9.57 -3.52 28.64
N ASN A 110 -8.59 -3.30 29.51
CA ASN A 110 -8.66 -2.22 30.50
C ASN A 110 -8.65 -0.85 29.84
N LYS A 111 -8.03 -0.76 28.66
CA LYS A 111 -7.98 0.51 27.94
C LYS A 111 -9.39 0.81 27.42
N LEU A 112 -10.07 -0.20 26.91
CA LEU A 112 -11.42 -0.01 26.41
C LEU A 112 -12.37 0.32 27.57
N LEU A 113 -12.11 -0.29 28.73
CA LEU A 113 -12.95 -0.02 29.91
C LEU A 113 -12.80 1.43 30.35
N ALA A 114 -11.60 1.96 30.25
CA ALA A 114 -11.35 3.35 30.62
C ALA A 114 -12.08 4.26 29.64
N HIS A 115 -12.00 3.94 28.35
CA HIS A 115 -12.67 4.76 27.35
C HIS A 115 -14.18 4.82 27.61
N LEU A 116 -14.78 3.65 27.85
CA LEU A 116 -16.22 3.55 28.10
C LEU A 116 -16.70 4.11 29.45
N GLY A 117 -15.79 4.23 30.41
CA GLY A 117 -16.16 4.75 31.71
C GLY A 117 -16.33 3.69 32.80
N GLY A 118 -15.89 2.46 32.53
CA GLY A 118 -16.02 1.40 33.50
C GLY A 118 -16.98 0.28 33.12
N PRO A 119 -16.92 -0.87 33.82
CA PRO A 119 -17.78 -2.03 33.57
C PRO A 119 -19.27 -1.77 33.71
N GLY A 120 -19.65 -0.80 34.55
CA GLY A 120 -21.06 -0.49 34.71
C GLY A 120 -21.67 -0.11 33.37
N ASN A 121 -20.89 0.59 32.55
CA ASN A 121 -21.34 1.01 31.23
C ASN A 121 -21.60 -0.17 30.28
N VAL A 122 -20.74 -1.18 30.35
CA VAL A 122 -20.90 -2.36 29.50
C VAL A 122 -22.20 -3.06 29.90
N THR A 123 -22.44 -3.12 31.21
CA THR A 123 -23.65 -3.73 31.75
C THR A 123 -24.87 -2.96 31.23
N ALA A 124 -24.76 -1.64 31.16
CA ALA A 124 -25.87 -0.85 30.67
C ALA A 124 -26.13 -1.19 29.20
N PHE A 125 -25.05 -1.26 28.41
CA PHE A 125 -25.18 -1.60 27.00
C PHE A 125 -25.95 -2.93 26.88
N ALA A 126 -25.51 -3.93 27.64
CA ALA A 126 -26.15 -5.24 27.64
C ALA A 126 -27.65 -5.04 27.80
N ARG A 127 -28.03 -4.28 28.82
CA ARG A 127 -29.43 -3.98 29.10
C ARG A 127 -30.11 -3.32 27.90
N SER A 128 -29.38 -2.47 27.19
CA SER A 128 -29.95 -1.77 26.04
C SER A 128 -30.38 -2.71 24.92
N ILE A 129 -29.77 -3.90 24.83
CA ILE A 129 -30.14 -4.85 23.78
C ILE A 129 -31.05 -5.98 24.29
N GLY A 130 -31.62 -5.79 25.48
CA GLY A 130 -32.52 -6.79 26.04
C GLY A 130 -31.91 -7.88 26.90
N ASP A 131 -30.65 -7.76 27.29
CA ASP A 131 -30.01 -8.78 28.12
C ASP A 131 -30.09 -8.40 29.59
N THR A 132 -30.89 -9.11 30.36
CA THR A 132 -31.05 -8.82 31.79
C THR A 132 -30.23 -9.76 32.69
N THR A 133 -29.43 -10.63 32.09
CA THR A 133 -28.62 -11.57 32.85
C THR A 133 -27.16 -11.13 32.95
N PHE A 134 -26.61 -10.69 31.83
CA PHE A 134 -25.22 -10.23 31.77
C PHE A 134 -24.89 -9.15 32.81
N ARG A 135 -23.68 -9.20 33.35
CA ARG A 135 -23.23 -8.19 34.30
C ARG A 135 -21.71 -8.18 34.36
N LEU A 136 -21.11 -7.01 34.21
CA LEU A 136 -19.66 -6.85 34.30
C LEU A 136 -19.42 -5.98 35.52
N ASP A 137 -18.49 -6.39 36.39
CA ASP A 137 -18.22 -5.65 37.63
C ASP A 137 -16.79 -5.15 37.84
N ARG A 138 -15.80 -5.87 37.32
CA ARG A 138 -14.39 -5.50 37.51
C ARG A 138 -13.60 -5.41 36.21
N LYS A 139 -12.31 -5.09 36.31
CA LYS A 139 -11.46 -5.02 35.13
C LYS A 139 -10.41 -6.14 35.16
N GLU A 140 -9.44 -6.08 34.25
CA GLU A 140 -8.40 -7.10 34.20
C GLU A 140 -7.29 -6.84 35.24
N PRO A 141 -6.81 -7.90 35.91
CA PRO A 141 -7.19 -9.31 35.76
C PRO A 141 -8.25 -9.84 36.76
N GLU A 142 -8.59 -9.02 37.76
CA GLU A 142 -9.55 -9.42 38.80
C GLU A 142 -10.86 -10.09 38.37
N LEU A 143 -11.38 -9.70 37.20
CA LEU A 143 -12.65 -10.25 36.71
C LEU A 143 -12.59 -11.74 36.39
N ASN A 144 -11.41 -12.34 36.51
CA ASN A 144 -11.25 -13.77 36.25
C ASN A 144 -11.20 -14.63 37.54
N THR A 145 -11.52 -14.05 38.70
CA THR A 145 -11.45 -14.84 39.94
C THR A 145 -12.38 -16.08 39.91
N ALA A 146 -13.49 -15.99 39.19
CA ALA A 146 -14.45 -17.11 39.05
C ALA A 146 -14.79 -17.89 40.32
N ILE A 147 -14.84 -17.21 41.46
CA ILE A 147 -15.14 -17.85 42.74
C ILE A 147 -16.55 -18.47 42.79
N PRO A 148 -16.66 -19.77 43.12
CA PRO A 148 -17.96 -20.45 43.19
C PRO A 148 -18.93 -19.62 44.03
N GLY A 149 -20.18 -19.52 43.57
CA GLY A 149 -21.17 -18.76 44.30
C GLY A 149 -21.11 -17.25 44.12
N ASP A 150 -20.04 -16.73 43.54
CA ASP A 150 -19.91 -15.30 43.31
C ASP A 150 -20.61 -14.95 41.98
N GLU A 151 -21.48 -13.95 42.01
CA GLU A 151 -22.20 -13.55 40.81
C GLU A 151 -21.50 -12.47 40.01
N ARG A 152 -20.46 -11.88 40.58
CA ARG A 152 -19.73 -10.83 39.88
C ARG A 152 -19.21 -11.31 38.54
N ASP A 153 -19.37 -10.48 37.51
CA ASP A 153 -18.90 -10.78 36.16
C ASP A 153 -19.39 -12.11 35.58
N THR A 154 -20.65 -12.48 35.84
CA THR A 154 -21.19 -13.73 35.32
C THR A 154 -22.35 -13.51 34.33
N THR A 155 -22.84 -14.61 33.76
CA THR A 155 -23.99 -14.61 32.85
C THR A 155 -24.37 -16.08 32.59
N SER A 156 -25.48 -16.32 31.91
CA SER A 156 -25.87 -17.70 31.66
C SER A 156 -25.63 -18.10 30.22
N PRO A 157 -25.56 -19.42 29.97
CA PRO A 157 -25.32 -19.87 28.60
C PRO A 157 -26.38 -19.32 27.66
N LEU A 158 -27.63 -19.66 27.91
CA LEU A 158 -28.73 -19.22 27.05
C LEU A 158 -28.80 -17.71 26.79
N ALA A 159 -28.45 -16.90 27.79
CA ALA A 159 -28.52 -15.46 27.63
C ALA A 159 -27.35 -14.91 26.82
N MET A 160 -26.18 -15.54 26.94
CA MET A 160 -25.01 -15.08 26.19
C MET A 160 -25.14 -15.52 24.74
N ALA A 161 -25.84 -16.63 24.50
CA ALA A 161 -26.05 -17.14 23.15
C ALA A 161 -26.98 -16.18 22.39
N LYS A 162 -28.06 -15.79 23.06
CA LYS A 162 -29.03 -14.87 22.46
C LYS A 162 -28.37 -13.53 22.13
N SER A 163 -27.63 -12.97 23.08
CA SER A 163 -26.97 -11.68 22.87
C SER A 163 -25.92 -11.74 21.76
N LEU A 164 -25.29 -12.89 21.59
CA LEU A 164 -24.29 -13.02 20.55
C LEU A 164 -25.01 -13.11 19.19
N ARG A 165 -26.20 -13.71 19.19
CA ARG A 165 -26.98 -13.84 17.96
C ARG A 165 -27.42 -12.43 17.54
N LYS A 166 -27.92 -11.68 18.53
CA LYS A 166 -28.37 -10.31 18.34
C LYS A 166 -27.28 -9.39 17.80
N LEU A 167 -26.06 -9.58 18.31
CA LEU A 167 -24.94 -8.75 17.90
C LEU A 167 -24.33 -9.12 16.55
N THR A 168 -24.30 -10.40 16.24
CA THR A 168 -23.70 -10.86 14.99
C THR A 168 -24.67 -11.18 13.84
N LEU A 169 -25.93 -11.45 14.15
CA LEU A 169 -26.91 -11.78 13.11
C LEU A 169 -28.17 -10.92 13.15
N GLY A 170 -28.46 -10.34 14.31
CA GLY A 170 -29.65 -9.53 14.46
C GLY A 170 -29.48 -8.04 14.19
N ASP A 171 -30.27 -7.23 14.89
CA ASP A 171 -30.22 -5.78 14.72
C ASP A 171 -29.68 -4.97 15.90
N ALA A 172 -28.99 -5.61 16.83
CA ALA A 172 -28.42 -4.90 17.98
C ALA A 172 -27.35 -3.90 17.55
N LEU A 173 -26.72 -4.17 16.41
CA LEU A 173 -25.69 -3.29 15.86
C LEU A 173 -26.07 -2.93 14.42
N ALA A 174 -25.49 -1.86 13.89
CA ALA A 174 -25.76 -1.43 12.52
C ALA A 174 -24.86 -2.25 11.58
N GLY A 175 -25.25 -2.30 10.30
CA GLY A 175 -24.52 -3.04 9.29
C GLY A 175 -23.00 -3.06 9.39
N PRO A 176 -22.33 -1.92 9.18
CA PRO A 176 -20.86 -1.81 9.24
C PRO A 176 -20.26 -2.36 10.54
N GLN A 177 -20.87 -1.98 11.66
CA GLN A 177 -20.37 -2.44 12.95
C GLN A 177 -20.54 -3.96 13.11
N ARG A 178 -21.70 -4.47 12.72
CA ARG A 178 -22.00 -5.89 12.77
C ARG A 178 -20.93 -6.70 12.01
N ALA A 179 -20.61 -6.23 10.81
CA ALA A 179 -19.62 -6.87 9.96
C ALA A 179 -18.23 -6.83 10.58
N GLN A 180 -17.90 -5.71 11.21
CA GLN A 180 -16.59 -5.56 11.83
C GLN A 180 -16.44 -6.51 13.03
N LEU A 181 -17.53 -6.74 13.76
CA LEU A 181 -17.50 -7.64 14.91
C LEU A 181 -17.36 -9.08 14.43
N VAL A 182 -18.02 -9.39 13.32
CA VAL A 182 -17.97 -10.74 12.76
C VAL A 182 -16.57 -11.04 12.22
N ASP A 183 -15.93 -10.04 11.65
CA ASP A 183 -14.59 -10.19 11.11
C ASP A 183 -13.59 -10.35 12.25
N TRP A 184 -13.81 -9.65 13.36
CA TRP A 184 -12.90 -9.77 14.50
C TRP A 184 -12.99 -11.17 15.11
N LEU A 185 -14.21 -11.66 15.30
CA LEU A 185 -14.44 -12.98 15.86
C LEU A 185 -13.85 -14.09 14.99
N LYS A 186 -13.93 -13.91 13.67
CA LYS A 186 -13.41 -14.87 12.71
C LYS A 186 -11.89 -14.89 12.69
N GLY A 187 -11.28 -13.79 13.17
CA GLY A 187 -9.83 -13.68 13.19
C GLY A 187 -9.21 -14.05 14.52
N ASN A 188 -10.02 -14.57 15.44
CA ASN A 188 -9.49 -14.96 16.74
C ASN A 188 -8.39 -15.98 16.53
N THR A 189 -7.32 -15.88 17.31
CA THR A 189 -6.21 -16.82 17.18
C THR A 189 -6.11 -17.78 18.35
N THR A 190 -6.97 -17.61 19.37
CA THR A 190 -6.93 -18.46 20.57
C THR A 190 -7.89 -19.66 20.62
N GLY A 191 -8.88 -19.71 19.72
CA GLY A 191 -9.86 -20.79 19.76
C GLY A 191 -9.49 -22.14 19.16
N GLY A 192 -8.24 -22.31 18.76
CA GLY A 192 -7.80 -23.56 18.16
C GLY A 192 -8.18 -24.88 18.82
N GLN A 193 -8.12 -24.97 20.15
CA GLN A 193 -8.45 -26.22 20.86
C GLN A 193 -9.83 -26.31 21.47
N SER A 194 -10.67 -25.33 21.21
CA SER A 194 -12.00 -25.37 21.81
C SER A 194 -13.10 -25.78 20.84
N ILE A 195 -14.17 -24.99 20.78
CA ILE A 195 -15.31 -25.27 19.91
C ILE A 195 -14.86 -25.76 18.53
N ARG A 196 -13.98 -24.98 17.90
CA ARG A 196 -13.43 -25.31 16.60
C ARG A 196 -12.95 -26.75 16.48
N ALA A 197 -12.25 -27.22 17.52
CA ALA A 197 -11.72 -28.58 17.54
C ALA A 197 -12.80 -29.66 17.45
N GLY A 198 -14.04 -29.30 17.74
CA GLY A 198 -15.10 -30.29 17.68
C GLY A 198 -15.92 -30.20 16.41
N LEU A 199 -15.47 -29.41 15.44
CA LEU A 199 -16.19 -29.22 14.19
C LEU A 199 -15.42 -29.64 12.94
N PRO A 200 -16.13 -29.97 11.84
CA PRO A 200 -15.49 -30.37 10.59
C PRO A 200 -14.61 -29.21 10.14
N ALA A 201 -13.37 -29.50 9.80
CA ALA A 201 -12.38 -28.50 9.42
C ALA A 201 -12.80 -27.38 8.48
N HIS A 202 -13.61 -27.69 7.47
CA HIS A 202 -14.02 -26.68 6.50
C HIS A 202 -15.16 -25.74 6.91
N TRP A 203 -15.76 -25.95 8.07
CA TRP A 203 -16.83 -25.08 8.53
C TRP A 203 -16.21 -23.72 8.94
N VAL A 204 -16.91 -22.61 8.69
CA VAL A 204 -16.39 -21.28 9.04
C VAL A 204 -16.86 -20.84 10.45
N VAL A 205 -15.92 -20.38 11.26
CA VAL A 205 -16.25 -20.01 12.64
C VAL A 205 -15.66 -18.69 13.15
N GLY A 206 -16.42 -18.07 14.05
CA GLY A 206 -15.99 -16.84 14.70
C GLY A 206 -16.21 -17.09 16.18
N ASP A 207 -15.19 -16.85 17.02
CA ASP A 207 -15.36 -17.10 18.45
C ASP A 207 -14.45 -16.27 19.37
N LYS A 208 -14.74 -16.36 20.66
CA LYS A 208 -13.96 -15.69 21.71
C LYS A 208 -13.83 -16.66 22.89
N THR A 209 -12.59 -16.92 23.28
CA THR A 209 -12.32 -17.84 24.38
C THR A 209 -12.29 -17.16 25.76
N GLY A 210 -12.26 -17.99 26.80
CA GLY A 210 -12.22 -17.49 28.16
C GLY A 210 -11.50 -18.47 29.09
N ALA A 211 -10.73 -17.95 30.02
CA ALA A 211 -9.98 -18.77 30.97
C ALA A 211 -9.77 -18.03 32.29
N GLY A 212 -10.05 -18.69 33.40
CA GLY A 212 -9.87 -18.06 34.70
C GLY A 212 -9.63 -19.07 35.81
N ASP A 213 -9.47 -18.59 37.04
CA ASP A 213 -9.25 -19.50 38.16
C ASP A 213 -10.32 -20.60 38.19
N TYR A 214 -10.12 -21.59 39.08
CA TYR A 214 -11.03 -22.72 39.19
C TYR A 214 -11.14 -23.42 37.84
N GLY A 215 -10.08 -23.34 37.06
CA GLY A 215 -10.04 -23.98 35.75
C GLY A 215 -11.20 -23.61 34.83
N THR A 216 -11.79 -22.45 35.05
CA THR A 216 -12.91 -22.03 34.20
C THR A 216 -12.44 -21.94 32.76
N THR A 217 -13.10 -22.71 31.90
CA THR A 217 -12.75 -22.76 30.50
C THR A 217 -13.99 -22.51 29.62
N ASN A 218 -14.03 -21.36 28.97
CA ASN A 218 -15.18 -20.99 28.13
C ASN A 218 -14.87 -20.66 26.68
N ASP A 219 -15.93 -20.51 25.91
CA ASP A 219 -15.83 -20.19 24.50
C ASP A 219 -17.26 -19.98 23.95
N ILE A 220 -17.44 -18.91 23.18
CA ILE A 220 -18.74 -18.61 22.59
C ILE A 220 -18.52 -18.40 21.10
N ALA A 221 -19.46 -18.86 20.28
CA ALA A 221 -19.26 -18.72 18.85
C ALA A 221 -20.47 -18.82 17.94
N VAL A 222 -20.24 -18.41 16.69
CA VAL A 222 -21.23 -18.47 15.64
C VAL A 222 -20.60 -19.46 14.66
N ILE A 223 -21.38 -20.42 14.19
CA ILE A 223 -20.87 -21.43 13.29
C ILE A 223 -21.67 -21.52 11.99
N TRP A 224 -20.97 -21.48 10.87
CA TRP A 224 -21.61 -21.58 9.56
C TRP A 224 -21.25 -22.92 8.95
N PRO A 225 -22.16 -23.91 9.07
CA PRO A 225 -21.96 -25.25 8.53
C PRO A 225 -22.26 -25.28 7.04
N GLU A 226 -21.20 -25.19 6.23
CA GLU A 226 -21.32 -25.18 4.78
C GLU A 226 -22.35 -24.11 4.38
N ASP A 227 -23.32 -24.44 3.54
CA ASP A 227 -24.31 -23.46 3.13
C ASP A 227 -25.61 -23.40 3.95
N ARG A 228 -25.63 -24.07 5.10
CA ARG A 228 -26.82 -24.07 5.96
C ARG A 228 -26.92 -22.87 6.91
N ALA A 229 -28.04 -22.80 7.61
CA ALA A 229 -28.30 -21.73 8.57
C ALA A 229 -27.29 -21.78 9.72
N PRO A 230 -26.81 -20.60 10.16
CA PRO A 230 -25.83 -20.46 11.25
C PRO A 230 -26.30 -20.98 12.61
N LEU A 231 -25.36 -21.47 13.40
CA LEU A 231 -25.65 -21.98 14.75
C LEU A 231 -24.92 -21.08 15.76
N VAL A 232 -25.62 -20.64 16.79
CA VAL A 232 -25.02 -19.81 17.84
C VAL A 232 -24.81 -20.75 19.02
N LEU A 233 -23.56 -20.87 19.47
CA LEU A 233 -23.24 -21.81 20.54
C LEU A 233 -22.38 -21.29 21.70
N VAL A 234 -22.81 -21.63 22.91
CA VAL A 234 -22.09 -21.25 24.12
C VAL A 234 -21.76 -22.48 24.97
N THR A 235 -20.47 -22.68 25.25
CA THR A 235 -20.01 -23.77 26.10
C THR A 235 -19.22 -23.19 27.27
N TYR A 236 -19.79 -23.30 28.47
CA TYR A 236 -19.13 -22.79 29.68
C TYR A 236 -18.77 -23.95 30.62
N PHE A 237 -17.56 -23.92 31.16
CA PHE A 237 -17.13 -24.98 32.05
C PHE A 237 -16.26 -24.48 33.20
N THR A 238 -16.56 -24.95 34.41
CA THR A 238 -15.77 -24.55 35.57
C THR A 238 -15.58 -25.74 36.52
N GLN A 239 -14.53 -25.71 37.34
CA GLN A 239 -14.24 -26.82 38.25
C GLN A 239 -14.14 -26.45 39.75
N PRO A 240 -14.13 -27.47 40.64
CA PRO A 240 -14.05 -27.34 42.10
C PRO A 240 -12.76 -26.75 42.67
N GLN A 241 -11.62 -27.12 42.11
CA GLN A 241 -10.33 -26.66 42.61
C GLN A 241 -9.89 -25.32 42.01
N GLN A 242 -9.57 -24.38 42.90
CA GLN A 242 -9.13 -23.05 42.52
C GLN A 242 -7.95 -23.07 41.54
N ASP A 243 -7.06 -24.04 41.70
CA ASP A 243 -5.90 -24.14 40.82
C ASP A 243 -6.03 -25.21 39.73
N ALA A 244 -7.25 -25.66 39.48
CA ALA A 244 -7.47 -26.69 38.46
C ALA A 244 -6.98 -26.24 37.08
N LYS A 245 -6.59 -27.20 36.26
CA LYS A 245 -6.10 -26.91 34.91
C LYS A 245 -7.26 -26.73 33.94
N TRP A 246 -7.03 -25.93 32.90
CA TRP A 246 -8.06 -25.67 31.89
C TRP A 246 -8.39 -26.91 31.06
N ARG A 247 -9.66 -27.03 30.66
CA ARG A 247 -10.12 -28.18 29.89
C ARG A 247 -10.72 -27.82 28.55
N LYS A 248 -9.92 -27.21 27.68
CA LYS A 248 -10.37 -26.82 26.36
C LYS A 248 -11.00 -28.00 25.60
N ASP A 249 -10.54 -29.21 25.90
CA ASP A 249 -11.04 -30.42 25.26
C ASP A 249 -12.50 -30.74 25.63
N VAL A 250 -12.94 -30.27 26.79
CA VAL A 250 -14.32 -30.52 27.21
C VAL A 250 -15.29 -29.66 26.39
N LEU A 251 -14.82 -28.51 25.92
CA LEU A 251 -15.67 -27.62 25.12
C LEU A 251 -15.74 -28.18 23.69
N ALA A 252 -14.63 -28.78 23.26
CA ALA A 252 -14.55 -29.37 21.93
C ALA A 252 -15.49 -30.56 21.82
N ALA A 253 -15.54 -31.37 22.87
CA ALA A 253 -16.40 -32.55 22.91
C ALA A 253 -17.86 -32.15 22.94
N ALA A 254 -18.17 -31.13 23.76
CA ALA A 254 -19.54 -30.65 23.84
C ALA A 254 -19.97 -30.10 22.49
N ALA A 255 -19.07 -29.40 21.81
CA ALA A 255 -19.39 -28.84 20.50
C ALA A 255 -19.82 -29.95 19.55
N LYS A 256 -18.99 -30.98 19.43
CA LYS A 256 -19.27 -32.11 18.56
C LYS A 256 -20.65 -32.72 18.85
N ILE A 257 -20.93 -33.03 20.12
CA ILE A 257 -22.19 -33.62 20.53
C ILE A 257 -23.45 -32.90 20.06
N VAL A 258 -23.46 -31.57 20.19
CA VAL A 258 -24.62 -30.78 19.81
C VAL A 258 -24.70 -30.36 18.34
N THR A 259 -23.58 -30.32 17.65
CA THR A 259 -23.58 -29.92 16.25
C THR A 259 -23.52 -31.10 15.28
N GLU A 260 -23.44 -32.32 15.80
CA GLU A 260 -23.37 -33.50 14.95
C GLU A 260 -24.63 -33.63 14.11
N GLY A 261 -24.44 -33.64 12.78
CA GLY A 261 -25.56 -33.76 11.87
C GLY A 261 -26.20 -32.43 11.50
N LYS A 262 -25.58 -31.33 11.89
CA LYS A 262 -26.10 -30.00 11.57
C LYS A 262 -25.45 -29.52 10.27
N VAL B 1 -4.70 -6.81 -11.19
CA VAL B 1 -4.69 -5.41 -10.72
C VAL B 1 -5.21 -4.47 -11.82
N GLN B 2 -4.31 -4.07 -12.72
CA GLN B 2 -4.65 -3.21 -13.84
C GLN B 2 -4.69 -4.13 -15.06
N GLN B 3 -4.26 -5.36 -14.80
CA GLN B 3 -4.25 -6.38 -15.82
C GLN B 3 -5.56 -7.12 -15.64
N VAL B 4 -6.27 -6.80 -14.57
CA VAL B 4 -7.57 -7.40 -14.32
C VAL B 4 -8.46 -6.81 -15.41
N GLN B 5 -8.23 -5.54 -15.68
CA GLN B 5 -8.98 -4.83 -16.69
C GLN B 5 -8.65 -5.42 -18.06
N LYS B 6 -7.36 -5.60 -18.32
CA LYS B 6 -6.94 -6.17 -19.60
C LYS B 6 -7.54 -7.55 -19.83
N LYS B 7 -7.64 -8.35 -18.77
CA LYS B 7 -8.21 -9.70 -18.87
C LYS B 7 -9.71 -9.65 -19.20
N LEU B 8 -10.44 -8.76 -18.54
CA LEU B 8 -11.88 -8.61 -18.80
C LEU B 8 -12.10 -8.07 -20.20
N ALA B 9 -11.33 -7.04 -20.56
CA ALA B 9 -11.45 -6.44 -21.87
C ALA B 9 -11.28 -7.55 -22.91
N ALA B 10 -10.31 -8.44 -22.67
CA ALA B 10 -10.05 -9.55 -23.58
C ALA B 10 -11.18 -10.59 -23.58
N LEU B 11 -11.75 -10.86 -22.42
CA LEU B 11 -12.84 -11.84 -22.33
C LEU B 11 -14.05 -11.35 -23.15
N GLU B 12 -14.44 -10.10 -22.93
CA GLU B 12 -15.57 -9.52 -23.65
C GLU B 12 -15.38 -9.65 -25.15
N LYS B 13 -14.20 -9.26 -25.62
CA LYS B 13 -13.87 -9.32 -27.03
C LYS B 13 -14.02 -10.73 -27.61
N GLN B 14 -13.63 -11.73 -26.82
CA GLN B 14 -13.72 -13.13 -27.25
C GLN B 14 -15.16 -13.65 -27.26
N SER B 15 -16.00 -13.06 -26.40
CA SER B 15 -17.40 -13.46 -26.26
C SER B 15 -18.29 -12.94 -27.39
N GLY B 16 -17.89 -11.83 -28.01
CA GLY B 16 -18.68 -11.26 -29.08
C GLY B 16 -19.88 -10.47 -28.59
N GLY B 17 -19.96 -10.22 -27.28
CA GLY B 17 -21.08 -9.46 -26.75
C GLY B 17 -20.65 -8.28 -25.90
N ARG B 18 -21.55 -7.82 -25.02
CA ARG B 18 -21.28 -6.69 -24.12
C ARG B 18 -21.25 -7.24 -22.70
N LEU B 19 -20.20 -6.92 -21.95
CA LEU B 19 -20.05 -7.41 -20.58
C LEU B 19 -20.00 -6.33 -19.52
N GLY B 20 -20.75 -6.54 -18.44
CA GLY B 20 -20.78 -5.58 -17.33
C GLY B 20 -20.43 -6.26 -16.01
N VAL B 21 -19.49 -5.68 -15.26
CA VAL B 21 -19.06 -6.25 -13.98
C VAL B 21 -18.82 -5.26 -12.84
N ALA B 22 -19.33 -5.61 -11.67
CA ALA B 22 -19.15 -4.78 -10.48
C ALA B 22 -18.85 -5.69 -9.30
N LEU B 23 -17.69 -5.48 -8.68
CA LEU B 23 -17.32 -6.28 -7.52
C LEU B 23 -17.08 -5.35 -6.34
N ILE B 24 -17.73 -5.65 -5.22
CA ILE B 24 -17.54 -4.86 -4.02
C ILE B 24 -16.91 -5.74 -2.94
N ASN B 25 -15.72 -5.37 -2.48
CA ASN B 25 -15.02 -6.12 -1.43
C ASN B 25 -15.37 -5.44 -0.11
N THR B 26 -16.22 -6.08 0.69
CA THR B 26 -16.64 -5.50 1.96
C THR B 26 -15.54 -5.43 3.00
N ALA B 27 -14.34 -5.89 2.66
CA ALA B 27 -13.25 -5.83 3.63
C ALA B 27 -12.75 -4.39 3.75
N ASP B 28 -12.60 -3.73 2.61
CA ASP B 28 -12.11 -2.36 2.56
C ASP B 28 -12.97 -1.47 1.67
N ASN B 29 -14.11 -2.01 1.23
CA ASN B 29 -15.02 -1.28 0.36
C ASN B 29 -14.40 -0.95 -1.00
N SER B 30 -13.34 -1.66 -1.38
CA SER B 30 -12.71 -1.43 -2.68
C SER B 30 -13.64 -2.02 -3.75
N GLN B 31 -13.45 -1.62 -5.01
CA GLN B 31 -14.32 -2.11 -6.09
C GLN B 31 -13.58 -2.45 -7.39
N VAL B 32 -14.15 -3.38 -8.15
CA VAL B 32 -13.61 -3.75 -9.46
C VAL B 32 -14.74 -3.38 -10.44
N LEU B 33 -14.44 -2.49 -11.38
CA LEU B 33 -15.48 -2.03 -12.31
C LEU B 33 -15.22 -2.18 -13.82
N TYR B 34 -16.25 -2.64 -14.52
CA TYR B 34 -16.19 -2.81 -15.96
C TYR B 34 -17.58 -2.55 -16.54
N ARG B 35 -17.74 -1.37 -17.15
CA ARG B 35 -19.03 -0.97 -17.69
C ARG B 35 -20.04 -1.05 -16.55
N ALA B 36 -19.58 -0.70 -15.35
CA ALA B 36 -20.39 -0.77 -14.14
C ALA B 36 -21.56 0.22 -14.09
N ASP B 37 -21.52 1.26 -14.90
CA ASP B 37 -22.61 2.23 -14.89
C ASP B 37 -23.55 2.12 -16.09
N GLU B 38 -23.36 1.09 -16.92
CA GLU B 38 -24.22 0.89 -18.09
C GLU B 38 -25.48 0.07 -17.74
N ARG B 39 -26.52 0.19 -18.56
CA ARG B 39 -27.75 -0.56 -18.31
C ARG B 39 -27.82 -1.91 -19.04
N PHE B 40 -28.40 -2.90 -18.39
CA PHE B 40 -28.58 -4.25 -18.93
C PHE B 40 -29.95 -4.71 -18.45
N ALA B 41 -30.57 -5.61 -19.21
CA ALA B 41 -31.87 -6.15 -18.86
C ALA B 41 -31.68 -7.14 -17.72
N MET B 42 -32.26 -6.82 -16.58
CA MET B 42 -32.16 -7.66 -15.39
C MET B 42 -32.64 -9.08 -15.59
N CYS B 43 -33.77 -9.23 -16.29
CA CYS B 43 -34.35 -10.54 -16.50
C CYS B 43 -34.73 -11.15 -15.15
N SER B 44 -34.35 -12.40 -14.88
CA SER B 44 -34.73 -12.97 -13.60
C SER B 44 -33.98 -12.47 -12.35
N THR B 45 -32.90 -11.72 -12.50
CA THR B 45 -32.21 -11.21 -11.32
C THR B 45 -33.10 -10.22 -10.59
N SER B 46 -34.09 -9.68 -11.32
CA SER B 46 -35.02 -8.72 -10.72
C SER B 46 -35.89 -9.40 -9.68
N LYS B 47 -35.88 -10.72 -9.65
CA LYS B 47 -36.68 -11.46 -8.67
C LYS B 47 -36.20 -11.29 -7.23
N VAL B 48 -34.94 -10.90 -7.04
CA VAL B 48 -34.42 -10.69 -5.67
C VAL B 48 -35.04 -9.44 -5.06
N MET B 49 -35.06 -8.35 -5.83
CA MET B 49 -35.64 -7.09 -5.36
C MET B 49 -37.13 -7.30 -5.04
N THR B 50 -37.79 -8.14 -5.85
CA THR B 50 -39.22 -8.44 -5.68
C THR B 50 -39.54 -9.26 -4.42
N ALA B 51 -38.72 -10.27 -4.14
CA ALA B 51 -38.93 -11.10 -2.96
C ALA B 51 -38.58 -10.29 -1.72
N ALA B 52 -37.61 -9.39 -1.87
CA ALA B 52 -37.20 -8.53 -0.76
C ALA B 52 -38.32 -7.55 -0.40
N ALA B 53 -39.06 -7.08 -1.40
CA ALA B 53 -40.17 -6.15 -1.15
C ALA B 53 -41.23 -6.82 -0.30
N VAL B 54 -41.49 -8.10 -0.56
CA VAL B 54 -42.48 -8.86 0.20
C VAL B 54 -41.96 -9.08 1.63
N LEU B 55 -40.67 -9.39 1.74
CA LEU B 55 -40.06 -9.58 3.05
C LEU B 55 -40.19 -8.30 3.84
N LYS B 56 -39.99 -7.16 3.18
CA LYS B 56 -40.10 -5.87 3.85
C LYS B 56 -41.49 -5.73 4.49
N GLN B 57 -42.53 -6.09 3.74
CA GLN B 57 -43.91 -6.02 4.22
C GLN B 57 -44.09 -6.87 5.48
N SER B 58 -43.41 -8.01 5.53
CA SER B 58 -43.53 -8.91 6.67
C SER B 58 -43.02 -8.31 7.99
N GLU B 59 -42.28 -7.21 7.89
CA GLU B 59 -41.75 -6.53 9.08
C GLU B 59 -42.84 -5.70 9.79
N THR B 60 -43.89 -5.33 9.05
CA THR B 60 -44.98 -4.56 9.64
C THR B 60 -46.27 -5.40 9.77
N HIS B 61 -46.60 -6.13 8.71
CA HIS B 61 -47.81 -6.94 8.72
C HIS B 61 -47.50 -8.37 9.12
N ASP B 62 -47.79 -8.68 10.38
CA ASP B 62 -47.52 -10.01 10.93
C ASP B 62 -48.18 -11.16 10.18
N GLY B 63 -47.40 -12.21 9.93
CA GLY B 63 -47.92 -13.39 9.25
C GLY B 63 -48.35 -13.21 7.80
N ILE B 64 -47.97 -12.10 7.18
CA ILE B 64 -48.35 -11.85 5.79
C ILE B 64 -47.74 -12.89 4.85
N LEU B 65 -46.61 -13.47 5.26
CA LEU B 65 -45.93 -14.49 4.46
C LEU B 65 -46.78 -15.76 4.35
N GLN B 66 -47.72 -15.93 5.29
CA GLN B 66 -48.60 -17.08 5.29
C GLN B 66 -49.94 -16.78 4.60
N GLN B 67 -50.01 -15.69 3.86
CA GLN B 67 -51.24 -15.34 3.14
C GLN B 67 -51.31 -16.16 1.85
N LYS B 68 -52.49 -16.71 1.56
CA LYS B 68 -52.69 -17.54 0.38
C LYS B 68 -53.15 -16.88 -0.91
N MET B 69 -52.83 -17.55 -2.02
CA MET B 69 -53.20 -17.10 -3.35
C MET B 69 -53.53 -18.33 -4.17
N THR B 70 -54.69 -18.32 -4.83
CA THR B 70 -55.08 -19.47 -5.62
C THR B 70 -54.29 -19.54 -6.91
N ILE B 71 -54.01 -20.77 -7.34
CA ILE B 71 -53.28 -21.02 -8.57
C ILE B 71 -54.26 -21.55 -9.59
N LYS B 72 -54.53 -20.76 -10.63
CA LYS B 72 -55.46 -21.15 -11.67
C LYS B 72 -54.69 -21.55 -12.93
N LYS B 73 -55.22 -22.50 -13.68
CA LYS B 73 -54.60 -22.96 -14.91
C LYS B 73 -54.34 -21.78 -15.84
N ALA B 74 -55.20 -20.76 -15.74
CA ALA B 74 -55.06 -19.57 -16.57
C ALA B 74 -53.92 -18.67 -16.10
N ASP B 75 -53.31 -19.01 -14.96
CA ASP B 75 -52.21 -18.23 -14.41
C ASP B 75 -50.86 -18.66 -14.99
N LEU B 76 -50.74 -19.94 -15.29
CA LEU B 76 -49.50 -20.50 -15.83
C LEU B 76 -48.88 -19.67 -16.93
N THR B 77 -47.56 -19.79 -17.07
CA THR B 77 -46.81 -19.04 -18.08
C THR B 77 -45.92 -19.99 -18.88
N ASN B 78 -44.73 -19.52 -19.25
CA ASN B 78 -43.79 -20.32 -20.03
C ASN B 78 -42.78 -21.05 -19.15
N TRP B 79 -43.02 -21.07 -17.85
CA TRP B 79 -42.10 -21.74 -16.92
C TRP B 79 -42.75 -21.83 -15.55
N ASN B 80 -43.34 -22.99 -15.24
CA ASN B 80 -44.02 -23.22 -13.97
C ASN B 80 -43.49 -24.49 -13.31
N PRO B 81 -42.19 -24.51 -12.93
CA PRO B 81 -41.63 -25.70 -12.29
C PRO B 81 -42.39 -26.15 -11.04
N VAL B 82 -42.78 -25.17 -10.23
CA VAL B 82 -43.48 -25.44 -8.99
C VAL B 82 -45.00 -25.18 -9.07
N THR B 83 -45.36 -23.99 -9.55
CA THR B 83 -46.76 -23.61 -9.67
C THR B 83 -47.65 -24.54 -10.48
N GLU B 84 -47.06 -25.36 -11.35
CA GLU B 84 -47.85 -26.28 -12.16
C GLU B 84 -48.30 -27.52 -11.36
N LYS B 85 -47.76 -27.67 -10.15
CA LYS B 85 -48.12 -28.80 -9.30
C LYS B 85 -49.29 -28.43 -8.38
N TYR B 86 -49.62 -27.14 -8.33
CA TYR B 86 -50.69 -26.66 -7.46
C TYR B 86 -51.89 -26.07 -8.19
N VAL B 87 -52.01 -26.30 -9.49
CA VAL B 87 -53.15 -25.75 -10.22
C VAL B 87 -54.42 -26.29 -9.55
N GLY B 88 -55.33 -25.39 -9.22
CA GLY B 88 -56.56 -25.82 -8.57
C GLY B 88 -56.37 -25.80 -7.06
N ASN B 89 -55.24 -25.26 -6.62
CA ASN B 89 -54.95 -25.18 -5.21
C ASN B 89 -54.39 -23.80 -4.84
N THR B 90 -53.78 -23.69 -3.66
CA THR B 90 -53.22 -22.42 -3.22
C THR B 90 -51.79 -22.55 -2.73
N MET B 91 -51.06 -21.44 -2.80
CA MET B 91 -49.68 -21.37 -2.34
C MET B 91 -49.54 -20.10 -1.51
N THR B 92 -48.76 -20.18 -0.43
CA THR B 92 -48.53 -19.02 0.43
C THR B 92 -47.51 -18.11 -0.24
N LEU B 93 -47.38 -16.89 0.25
CA LEU B 93 -46.43 -15.93 -0.29
C LEU B 93 -44.99 -16.41 -0.03
N ALA B 94 -44.81 -17.17 1.04
CA ALA B 94 -43.49 -17.68 1.37
C ALA B 94 -43.14 -18.78 0.36
N GLU B 95 -44.11 -19.65 0.07
CA GLU B 95 -43.92 -20.74 -0.89
C GLU B 95 -43.71 -20.19 -2.29
N LEU B 96 -44.38 -19.09 -2.59
CA LEU B 96 -44.26 -18.45 -3.90
C LEU B 96 -42.88 -17.77 -3.99
N SER B 97 -42.45 -17.14 -2.91
CA SER B 97 -41.16 -16.46 -2.86
C SER B 97 -40.06 -17.47 -3.09
N ALA B 98 -40.14 -18.58 -2.37
CA ALA B 98 -39.14 -19.65 -2.47
C ALA B 98 -39.07 -20.26 -3.88
N ALA B 99 -40.24 -20.47 -4.48
CA ALA B 99 -40.32 -21.05 -5.81
C ALA B 99 -39.70 -20.16 -6.90
N THR B 100 -39.99 -18.86 -6.86
CA THR B 100 -39.46 -17.94 -7.86
C THR B 100 -37.95 -17.69 -7.71
N LEU B 101 -37.44 -17.82 -6.50
CA LEU B 101 -36.02 -17.59 -6.24
C LEU B 101 -35.11 -18.80 -6.49
N GLN B 102 -35.53 -19.98 -6.04
CA GLN B 102 -34.68 -21.17 -6.18
C GLN B 102 -34.94 -22.03 -7.41
N TYR B 103 -35.93 -21.64 -8.23
CA TYR B 103 -36.27 -22.38 -9.44
C TYR B 103 -36.64 -21.39 -10.54
N SER B 104 -36.52 -20.10 -10.21
CA SER B 104 -36.83 -19.02 -11.14
C SER B 104 -38.22 -19.22 -11.74
N ASP B 105 -39.18 -19.66 -10.92
CA ASP B 105 -40.54 -19.87 -11.39
C ASP B 105 -41.17 -18.53 -11.81
N ASN B 106 -41.59 -18.44 -13.08
CA ASN B 106 -42.19 -17.23 -13.63
C ASN B 106 -43.59 -16.91 -13.14
N THR B 107 -44.42 -17.93 -12.96
CA THR B 107 -45.77 -17.73 -12.50
C THR B 107 -45.75 -17.26 -11.06
N ALA B 108 -44.84 -17.82 -10.26
CA ALA B 108 -44.72 -17.45 -8.86
C ALA B 108 -44.38 -15.97 -8.83
N MET B 109 -43.43 -15.56 -9.67
CA MET B 109 -43.01 -14.18 -9.79
C MET B 109 -44.19 -13.26 -10.05
N ASN B 110 -45.02 -13.62 -11.04
CA ASN B 110 -46.18 -12.81 -11.38
C ASN B 110 -47.19 -12.74 -10.25
N LYS B 111 -47.29 -13.81 -9.46
CA LYS B 111 -48.22 -13.83 -8.33
C LYS B 111 -47.74 -12.80 -7.29
N LEU B 112 -46.42 -12.71 -7.12
CA LEU B 112 -45.86 -11.76 -6.18
C LEU B 112 -46.09 -10.34 -6.66
N LEU B 113 -45.96 -10.11 -7.96
CA LEU B 113 -46.18 -8.77 -8.51
C LEU B 113 -47.65 -8.37 -8.30
N ALA B 114 -48.54 -9.35 -8.39
CA ALA B 114 -49.96 -9.12 -8.20
C ALA B 114 -50.19 -8.65 -6.77
N HIS B 115 -49.67 -9.40 -5.81
CA HIS B 115 -49.79 -9.07 -4.40
C HIS B 115 -49.25 -7.67 -4.12
N LEU B 116 -48.04 -7.40 -4.60
CA LEU B 116 -47.42 -6.09 -4.38
C LEU B 116 -48.15 -4.95 -5.08
N GLY B 117 -48.85 -5.27 -6.16
CA GLY B 117 -49.56 -4.22 -6.88
C GLY B 117 -48.90 -3.77 -8.18
N GLY B 118 -47.96 -4.56 -8.68
CA GLY B 118 -47.31 -4.18 -9.93
C GLY B 118 -45.83 -3.86 -9.84
N PRO B 119 -45.10 -3.94 -10.97
CA PRO B 119 -43.67 -3.67 -11.05
C PRO B 119 -43.29 -2.31 -10.45
N GLY B 120 -44.17 -1.33 -10.64
CA GLY B 120 -43.93 0.00 -10.11
C GLY B 120 -43.64 -0.02 -8.63
N ASN B 121 -44.31 -0.89 -7.90
CA ASN B 121 -44.11 -1.00 -6.47
C ASN B 121 -42.78 -1.67 -6.08
N VAL B 122 -42.19 -2.43 -7.01
CA VAL B 122 -40.91 -3.07 -6.74
C VAL B 122 -39.87 -1.96 -6.92
N THR B 123 -40.08 -1.14 -7.94
CA THR B 123 -39.21 -0.01 -8.24
C THR B 123 -39.21 0.93 -7.03
N ALA B 124 -40.39 1.16 -6.46
CA ALA B 124 -40.50 2.04 -5.30
C ALA B 124 -39.65 1.46 -4.19
N PHE B 125 -39.75 0.15 -3.97
CA PHE B 125 -38.95 -0.49 -2.93
C PHE B 125 -37.46 -0.25 -3.18
N ALA B 126 -37.02 -0.41 -4.42
CA ALA B 126 -35.61 -0.19 -4.75
C ALA B 126 -35.22 1.25 -4.41
N ARG B 127 -36.15 2.17 -4.66
CA ARG B 127 -35.93 3.57 -4.36
C ARG B 127 -35.73 3.76 -2.85
N SER B 128 -36.55 3.06 -2.07
CA SER B 128 -36.49 3.16 -0.62
C SER B 128 -35.20 2.66 0.01
N ILE B 129 -34.36 1.96 -0.77
CA ILE B 129 -33.08 1.50 -0.21
C ILE B 129 -31.89 2.19 -0.86
N GLY B 130 -32.16 3.30 -1.56
CA GLY B 130 -31.10 4.07 -2.19
C GLY B 130 -30.77 3.80 -3.65
N ASP B 131 -31.58 3.00 -4.33
CA ASP B 131 -31.30 2.66 -5.73
C ASP B 131 -32.17 3.46 -6.70
N THR B 132 -31.56 4.43 -7.39
CA THR B 132 -32.28 5.26 -8.35
C THR B 132 -32.00 4.84 -9.80
N THR B 133 -31.45 3.66 -9.97
CA THR B 133 -31.13 3.16 -11.29
C THR B 133 -32.12 2.06 -11.68
N PHE B 134 -32.38 1.16 -10.72
CA PHE B 134 -33.31 0.04 -10.93
C PHE B 134 -34.71 0.50 -11.40
N ARG B 135 -35.34 -0.30 -12.24
CA ARG B 135 -36.69 -0.02 -12.71
C ARG B 135 -37.32 -1.28 -13.28
N LEU B 136 -38.49 -1.64 -12.77
CA LEU B 136 -39.20 -2.81 -13.26
C LEU B 136 -40.47 -2.30 -13.93
N ASP B 137 -40.69 -2.66 -15.19
CA ASP B 137 -41.84 -2.18 -15.95
C ASP B 137 -42.89 -3.22 -16.37
N ARG B 138 -42.49 -4.48 -16.47
CA ARG B 138 -43.41 -5.51 -16.92
C ARG B 138 -43.33 -6.79 -16.10
N LYS B 139 -44.31 -7.66 -16.31
CA LYS B 139 -44.32 -8.93 -15.61
C LYS B 139 -43.83 -10.04 -16.54
N GLU B 140 -43.84 -11.28 -16.07
CA GLU B 140 -43.37 -12.40 -16.87
C GLU B 140 -44.39 -12.78 -17.94
N PRO B 141 -43.91 -13.20 -19.11
CA PRO B 141 -42.49 -13.32 -19.43
C PRO B 141 -41.97 -12.14 -20.26
N GLU B 142 -42.81 -11.13 -20.46
CA GLU B 142 -42.44 -9.96 -21.23
C GLU B 142 -41.20 -9.21 -20.76
N LEU B 143 -40.95 -9.18 -19.45
CA LEU B 143 -39.81 -8.45 -18.93
C LEU B 143 -38.47 -8.97 -19.41
N ASN B 144 -38.49 -10.10 -20.12
CA ASN B 144 -37.26 -10.67 -20.62
C ASN B 144 -36.92 -10.33 -22.09
N THR B 145 -37.68 -9.43 -22.72
CA THR B 145 -37.38 -9.09 -24.13
C THR B 145 -35.93 -8.64 -24.36
N ALA B 146 -35.37 -7.91 -23.40
CA ALA B 146 -33.98 -7.44 -23.45
C ALA B 146 -33.56 -6.81 -24.79
N ILE B 147 -34.41 -5.96 -25.36
CA ILE B 147 -34.11 -5.31 -26.62
C ILE B 147 -33.00 -4.27 -26.42
N PRO B 148 -31.99 -4.26 -27.31
CA PRO B 148 -30.88 -3.30 -27.20
C PRO B 148 -31.36 -1.85 -27.25
N GLY B 149 -30.85 -1.02 -26.34
CA GLY B 149 -31.22 0.38 -26.29
C GLY B 149 -32.46 0.68 -25.45
N ASP B 150 -33.24 -0.36 -25.16
CA ASP B 150 -34.45 -0.26 -24.35
C ASP B 150 -34.06 -0.23 -22.87
N GLU B 151 -34.61 0.73 -22.13
CA GLU B 151 -34.27 0.85 -20.71
C GLU B 151 -35.30 0.20 -19.79
N ARG B 152 -36.39 -0.29 -20.36
CA ARG B 152 -37.41 -0.97 -19.56
C ARG B 152 -36.79 -2.20 -18.87
N ASP B 153 -37.14 -2.39 -17.61
CA ASP B 153 -36.67 -3.52 -16.80
C ASP B 153 -35.15 -3.69 -16.81
N THR B 154 -34.41 -2.61 -16.61
CA THR B 154 -32.95 -2.68 -16.59
C THR B 154 -32.35 -2.00 -15.35
N THR B 155 -31.05 -2.17 -15.17
CA THR B 155 -30.31 -1.54 -14.08
C THR B 155 -28.83 -1.65 -14.40
N SER B 156 -27.97 -1.09 -13.56
CA SER B 156 -26.53 -1.16 -13.81
C SER B 156 -25.88 -2.15 -12.86
N PRO B 157 -24.73 -2.72 -13.27
CA PRO B 157 -24.04 -3.68 -12.40
C PRO B 157 -23.74 -3.13 -11.02
N LEU B 158 -23.09 -1.96 -11.00
CA LEU B 158 -22.74 -1.33 -9.74
C LEU B 158 -23.96 -1.03 -8.89
N ALA B 159 -25.04 -0.59 -9.53
CA ALA B 159 -26.27 -0.28 -8.80
C ALA B 159 -26.91 -1.53 -8.22
N MET B 160 -26.90 -2.63 -8.96
CA MET B 160 -27.49 -3.85 -8.43
C MET B 160 -26.59 -4.47 -7.35
N ALA B 161 -25.28 -4.27 -7.47
CA ALA B 161 -24.35 -4.81 -6.48
C ALA B 161 -24.54 -4.12 -5.14
N LYS B 162 -24.68 -2.80 -5.17
CA LYS B 162 -24.89 -2.05 -3.94
C LYS B 162 -26.18 -2.46 -3.25
N SER B 163 -27.26 -2.60 -4.02
CA SER B 163 -28.55 -3.02 -3.45
C SER B 163 -28.52 -4.43 -2.87
N LEU B 164 -27.78 -5.34 -3.51
CA LEU B 164 -27.70 -6.71 -3.03
C LEU B 164 -26.92 -6.73 -1.72
N ARG B 165 -25.95 -5.82 -1.63
CA ARG B 165 -25.16 -5.71 -0.42
C ARG B 165 -26.06 -5.25 0.74
N LYS B 166 -26.75 -4.12 0.56
CA LYS B 166 -27.62 -3.61 1.62
C LYS B 166 -28.72 -4.60 2.02
N LEU B 167 -29.21 -5.36 1.06
CA LEU B 167 -30.28 -6.32 1.32
C LEU B 167 -29.83 -7.59 2.07
N THR B 168 -28.61 -8.05 1.78
CA THR B 168 -28.11 -9.27 2.41
C THR B 168 -27.11 -9.10 3.54
N LEU B 169 -26.44 -7.95 3.59
CA LEU B 169 -25.45 -7.69 4.64
C LEU B 169 -25.74 -6.42 5.42
N GLY B 170 -26.35 -5.45 4.76
CA GLY B 170 -26.66 -4.18 5.39
C GLY B 170 -27.95 -4.15 6.17
N ASP B 171 -28.51 -2.94 6.33
CA ASP B 171 -29.75 -2.73 7.07
C ASP B 171 -31.01 -2.39 6.28
N ALA B 172 -31.07 -2.76 5.00
CA ALA B 172 -32.27 -2.47 4.22
C ALA B 172 -33.40 -3.35 4.77
N LEU B 173 -33.02 -4.50 5.34
CA LEU B 173 -34.00 -5.43 5.89
C LEU B 173 -33.71 -5.74 7.36
N ALA B 174 -34.72 -6.22 8.07
CA ALA B 174 -34.56 -6.57 9.48
C ALA B 174 -33.95 -7.96 9.59
N GLY B 175 -33.35 -8.26 10.74
CA GLY B 175 -32.70 -9.53 10.96
C GLY B 175 -33.35 -10.79 10.41
N PRO B 176 -34.55 -11.13 10.88
CA PRO B 176 -35.24 -12.33 10.40
C PRO B 176 -35.54 -12.35 8.92
N GLN B 177 -35.89 -11.17 8.37
CA GLN B 177 -36.17 -11.05 6.95
C GLN B 177 -34.87 -11.21 6.16
N ARG B 178 -33.78 -10.65 6.71
CA ARG B 178 -32.47 -10.73 6.08
C ARG B 178 -31.94 -12.17 6.09
N ALA B 179 -32.18 -12.88 7.19
CA ALA B 179 -31.73 -14.26 7.32
C ALA B 179 -32.42 -15.16 6.29
N GLN B 180 -33.72 -14.95 6.11
CA GLN B 180 -34.50 -15.75 5.16
C GLN B 180 -34.04 -15.55 3.71
N LEU B 181 -33.73 -14.30 3.36
CA LEU B 181 -33.26 -13.96 2.00
C LEU B 181 -31.90 -14.58 1.71
N VAL B 182 -31.02 -14.59 2.69
CA VAL B 182 -29.70 -15.18 2.52
C VAL B 182 -29.87 -16.69 2.32
N ASP B 183 -30.72 -17.29 3.15
CA ASP B 183 -31.00 -18.71 3.08
C ASP B 183 -31.62 -19.10 1.73
N TRP B 184 -32.53 -18.28 1.20
CA TRP B 184 -33.13 -18.59 -0.09
C TRP B 184 -32.06 -18.50 -1.19
N LEU B 185 -31.27 -17.43 -1.16
CA LEU B 185 -30.21 -17.24 -2.15
C LEU B 185 -29.18 -18.36 -2.12
N LYS B 186 -28.92 -18.90 -0.93
CA LYS B 186 -27.95 -19.99 -0.77
C LYS B 186 -28.50 -21.30 -1.32
N GLY B 187 -29.83 -21.42 -1.34
CA GLY B 187 -30.45 -22.63 -1.83
C GLY B 187 -30.88 -22.60 -3.28
N ASN B 188 -30.42 -21.62 -4.05
CA ASN B 188 -30.77 -21.54 -5.47
C ASN B 188 -30.29 -22.80 -6.18
N THR B 189 -31.10 -23.34 -7.08
CA THR B 189 -30.73 -24.55 -7.79
C THR B 189 -30.35 -24.33 -9.26
N THR B 190 -30.42 -23.10 -9.73
CA THR B 190 -30.12 -22.84 -11.13
C THR B 190 -28.79 -22.14 -11.46
N GLY B 191 -27.94 -21.92 -10.47
CA GLY B 191 -26.69 -21.21 -10.74
C GLY B 191 -25.43 -22.03 -10.76
N GLY B 192 -25.57 -23.33 -10.94
CA GLY B 192 -24.42 -24.20 -10.94
C GLY B 192 -23.37 -23.94 -12.01
N GLN B 193 -23.77 -23.42 -13.16
CA GLN B 193 -22.82 -23.19 -14.25
C GLN B 193 -22.37 -21.76 -14.42
N SER B 194 -22.92 -20.85 -13.61
CA SER B 194 -22.57 -19.45 -13.73
C SER B 194 -21.50 -19.01 -12.72
N ILE B 195 -21.76 -17.94 -11.97
CA ILE B 195 -20.81 -17.41 -10.99
C ILE B 195 -20.09 -18.50 -10.19
N ARG B 196 -20.88 -19.40 -9.60
CA ARG B 196 -20.31 -20.50 -8.81
C ARG B 196 -19.18 -21.24 -9.53
N ALA B 197 -19.39 -21.60 -10.80
CA ALA B 197 -18.39 -22.34 -11.55
C ALA B 197 -17.02 -21.65 -11.60
N GLY B 198 -17.01 -20.35 -11.36
CA GLY B 198 -15.75 -19.64 -11.42
C GLY B 198 -15.10 -19.46 -10.06
N LEU B 199 -15.69 -20.07 -9.03
CA LEU B 199 -15.14 -19.93 -7.68
C LEU B 199 -14.72 -21.25 -7.04
N PRO B 200 -13.82 -21.17 -6.06
CA PRO B 200 -13.32 -22.35 -5.32
C PRO B 200 -14.53 -23.08 -4.74
N ALA B 201 -14.67 -24.37 -5.03
CA ALA B 201 -15.81 -25.15 -4.57
C ALA B 201 -16.22 -25.02 -3.10
N HIS B 202 -15.27 -24.78 -2.19
CA HIS B 202 -15.61 -24.69 -0.77
C HIS B 202 -16.12 -23.33 -0.26
N TRP B 203 -16.16 -22.32 -1.12
CA TRP B 203 -16.66 -21.00 -0.73
C TRP B 203 -18.19 -21.10 -0.63
N VAL B 204 -18.81 -20.26 0.18
CA VAL B 204 -20.26 -20.30 0.34
C VAL B 204 -20.89 -19.23 -0.54
N VAL B 205 -21.97 -19.58 -1.25
CA VAL B 205 -22.59 -18.65 -2.16
C VAL B 205 -24.12 -18.59 -2.20
N GLY B 206 -24.62 -17.37 -2.38
CA GLY B 206 -26.05 -17.11 -2.50
C GLY B 206 -26.15 -16.33 -3.80
N ASP B 207 -26.98 -16.79 -4.74
CA ASP B 207 -27.09 -16.11 -6.03
C ASP B 207 -28.45 -16.25 -6.68
N LYS B 208 -28.71 -15.39 -7.67
CA LYS B 208 -29.95 -15.44 -8.43
C LYS B 208 -29.54 -15.30 -9.90
N THR B 209 -29.90 -16.27 -10.73
CA THR B 209 -29.53 -16.18 -12.14
C THR B 209 -30.56 -15.45 -12.99
N GLY B 210 -30.22 -15.24 -14.26
CA GLY B 210 -31.14 -14.58 -15.17
C GLY B 210 -30.85 -14.90 -16.63
N ALA B 211 -31.90 -15.16 -17.41
CA ALA B 211 -31.75 -15.47 -18.83
C ALA B 211 -32.87 -14.87 -19.65
N GLY B 212 -32.53 -14.27 -20.79
CA GLY B 212 -33.53 -13.68 -21.65
C GLY B 212 -33.08 -13.62 -23.11
N ASP B 213 -33.91 -13.04 -23.97
CA ASP B 213 -33.57 -12.91 -25.38
C ASP B 213 -32.24 -12.18 -25.55
N TYR B 214 -31.73 -12.19 -26.81
CA TYR B 214 -30.43 -11.57 -27.07
C TYR B 214 -29.33 -12.26 -26.26
N GLY B 215 -29.53 -13.55 -26.02
CA GLY B 215 -28.56 -14.33 -25.27
C GLY B 215 -28.18 -13.73 -23.92
N THR B 216 -29.05 -12.89 -23.40
CA THR B 216 -28.79 -12.23 -22.12
C THR B 216 -28.66 -13.26 -21.01
N THR B 217 -27.46 -13.33 -20.44
CA THR B 217 -27.17 -14.27 -19.37
C THR B 217 -26.66 -13.46 -18.18
N ASN B 218 -27.33 -13.61 -17.04
CA ASN B 218 -26.91 -12.87 -15.85
C ASN B 218 -26.83 -13.69 -14.56
N ASP B 219 -26.25 -13.06 -13.55
CA ASP B 219 -26.10 -13.66 -12.24
C ASP B 219 -25.59 -12.62 -11.23
N ILE B 220 -26.16 -12.65 -10.04
CA ILE B 220 -25.74 -11.72 -8.98
C ILE B 220 -25.51 -12.55 -7.71
N ALA B 221 -24.48 -12.21 -6.93
CA ALA B 221 -24.23 -13.03 -5.76
C ALA B 221 -23.50 -12.43 -4.57
N VAL B 222 -23.69 -13.09 -3.43
CA VAL B 222 -23.02 -12.73 -2.19
C VAL B 222 -22.07 -13.91 -1.98
N ILE B 223 -20.78 -13.61 -1.84
CA ILE B 223 -19.76 -14.64 -1.68
C ILE B 223 -18.92 -14.57 -0.40
N TRP B 224 -18.90 -15.67 0.33
CA TRP B 224 -18.12 -15.80 1.56
C TRP B 224 -16.87 -16.65 1.30
N PRO B 225 -15.70 -16.02 1.10
CA PRO B 225 -14.47 -16.75 0.85
C PRO B 225 -13.86 -17.22 2.16
N GLU B 226 -14.06 -18.50 2.48
CA GLU B 226 -13.58 -19.09 3.72
C GLU B 226 -14.00 -18.19 4.89
N ASP B 227 -13.03 -17.75 5.69
CA ASP B 227 -13.32 -16.90 6.85
C ASP B 227 -13.04 -15.42 6.63
N ARG B 228 -12.87 -15.01 5.37
CA ARG B 228 -12.63 -13.60 5.05
C ARG B 228 -13.93 -12.84 4.81
N ALA B 229 -13.82 -11.52 4.65
CA ALA B 229 -14.99 -10.65 4.43
C ALA B 229 -15.75 -10.99 3.15
N PRO B 230 -17.08 -10.95 3.20
CA PRO B 230 -17.94 -11.25 2.05
C PRO B 230 -17.69 -10.36 0.83
N LEU B 231 -17.86 -10.92 -0.36
CA LEU B 231 -17.71 -10.18 -1.60
C LEU B 231 -19.10 -10.12 -2.26
N VAL B 232 -19.42 -9.00 -2.89
CA VAL B 232 -20.70 -8.89 -3.58
C VAL B 232 -20.35 -8.73 -5.04
N LEU B 233 -20.91 -9.62 -5.87
CA LEU B 233 -20.60 -9.63 -7.29
C LEU B 233 -21.82 -9.68 -8.20
N VAL B 234 -21.72 -8.91 -9.30
CA VAL B 234 -22.75 -8.86 -10.32
C VAL B 234 -22.09 -8.98 -11.70
N THR B 235 -22.48 -10.00 -12.45
CA THR B 235 -21.95 -10.21 -13.80
C THR B 235 -23.12 -10.21 -14.76
N TYR B 236 -23.12 -9.23 -15.65
CA TYR B 236 -24.19 -9.10 -16.64
C TYR B 236 -23.60 -9.29 -18.03
N PHE B 237 -24.37 -9.90 -18.93
CA PHE B 237 -23.88 -10.14 -20.29
C PHE B 237 -25.04 -10.24 -21.28
N THR B 238 -24.90 -9.57 -22.41
CA THR B 238 -25.95 -9.61 -23.44
C THR B 238 -25.28 -9.63 -24.81
N GLN B 239 -25.98 -10.20 -25.80
CA GLN B 239 -25.45 -10.30 -27.15
C GLN B 239 -26.31 -9.65 -28.25
N PRO B 240 -25.68 -9.33 -29.42
CA PRO B 240 -26.30 -8.70 -30.60
C PRO B 240 -27.45 -9.43 -31.33
N GLN B 241 -27.39 -10.76 -31.37
CA GLN B 241 -28.43 -11.56 -32.04
C GLN B 241 -29.59 -11.82 -31.09
N GLN B 242 -30.81 -11.58 -31.56
CA GLN B 242 -31.98 -11.77 -30.72
C GLN B 242 -32.14 -13.22 -30.25
N ASP B 243 -31.67 -14.15 -31.06
CA ASP B 243 -31.79 -15.56 -30.74
C ASP B 243 -30.48 -16.18 -30.28
N ALA B 244 -29.52 -15.36 -29.87
CA ALA B 244 -28.22 -15.87 -29.42
C ALA B 244 -28.40 -16.84 -28.25
N LYS B 245 -27.47 -17.77 -28.12
CA LYS B 245 -27.54 -18.74 -27.03
C LYS B 245 -26.91 -18.13 -25.78
N TRP B 246 -27.36 -18.59 -24.63
CA TRP B 246 -26.86 -18.11 -23.35
C TRP B 246 -25.41 -18.50 -23.11
N ARG B 247 -24.64 -17.62 -22.48
CA ARG B 247 -23.22 -17.91 -22.24
C ARG B 247 -22.83 -17.89 -20.76
N LYS B 248 -23.46 -18.78 -19.98
CA LYS B 248 -23.18 -18.90 -18.55
C LYS B 248 -21.68 -19.01 -18.23
N ASP B 249 -20.94 -19.65 -19.13
CA ASP B 249 -19.50 -19.84 -18.95
C ASP B 249 -18.73 -18.51 -18.96
N VAL B 250 -19.32 -17.48 -19.56
CA VAL B 250 -18.68 -16.18 -19.64
C VAL B 250 -18.78 -15.51 -18.27
N LEU B 251 -19.87 -15.79 -17.55
CA LEU B 251 -20.05 -15.20 -16.24
C LEU B 251 -19.10 -15.86 -15.22
N ALA B 252 -18.86 -17.16 -15.39
CA ALA B 252 -17.96 -17.89 -14.50
C ALA B 252 -16.52 -17.44 -14.70
N ALA B 253 -16.19 -17.10 -15.94
CA ALA B 253 -14.84 -16.65 -16.29
C ALA B 253 -14.55 -15.25 -15.76
N ALA B 254 -15.57 -14.40 -15.73
CA ALA B 254 -15.37 -13.05 -15.20
C ALA B 254 -15.22 -13.19 -13.68
N ALA B 255 -15.97 -14.12 -13.10
CA ALA B 255 -15.95 -14.38 -11.66
C ALA B 255 -14.56 -14.83 -11.22
N LYS B 256 -13.99 -15.76 -11.98
CA LYS B 256 -12.66 -16.29 -11.69
C LYS B 256 -11.63 -15.17 -11.69
N ILE B 257 -11.73 -14.31 -12.69
CA ILE B 257 -10.82 -13.19 -12.86
C ILE B 257 -10.82 -12.15 -11.74
N VAL B 258 -12.01 -11.68 -11.36
CA VAL B 258 -12.09 -10.64 -10.32
C VAL B 258 -11.98 -11.14 -8.87
N THR B 259 -12.20 -12.43 -8.65
CA THR B 259 -12.10 -12.97 -7.29
C THR B 259 -10.78 -13.68 -7.02
N GLU B 260 -9.85 -13.61 -7.97
CA GLU B 260 -8.56 -14.27 -7.79
C GLU B 260 -7.78 -13.60 -6.68
N GLY B 261 -7.30 -14.40 -5.73
CA GLY B 261 -6.52 -13.85 -4.64
C GLY B 261 -7.31 -13.30 -3.45
N LYS B 262 -8.63 -13.29 -3.55
CA LYS B 262 -9.48 -12.79 -2.48
C LYS B 262 -9.70 -13.88 -1.44
N VAL C 1 36.32 23.99 15.05
CA VAL C 1 37.53 23.39 14.49
C VAL C 1 38.38 22.73 15.58
N GLN C 2 38.22 23.29 16.74
CA GLN C 2 38.72 22.92 18.05
C GLN C 2 37.58 23.28 18.98
N GLN C 3 36.83 24.23 18.43
CA GLN C 3 35.64 24.80 19.00
C GLN C 3 34.42 24.03 18.51
N VAL C 4 34.61 23.17 17.50
CA VAL C 4 33.54 22.30 17.03
C VAL C 4 33.50 21.16 18.04
N GLN C 5 34.68 20.74 18.47
CA GLN C 5 34.80 19.66 19.46
C GLN C 5 34.28 20.11 20.81
N LYS C 6 34.60 21.35 21.18
CA LYS C 6 34.15 21.88 22.46
C LYS C 6 32.62 21.95 22.49
N LYS C 7 32.04 22.39 21.38
CA LYS C 7 30.59 22.52 21.26
C LYS C 7 29.84 21.19 21.31
N LEU C 8 30.39 20.17 20.66
CA LEU C 8 29.77 18.84 20.65
C LEU C 8 29.92 18.20 22.02
N ALA C 9 31.10 18.39 22.62
CA ALA C 9 31.36 17.87 23.95
C ALA C 9 30.31 18.48 24.90
N ALA C 10 30.07 19.78 24.76
CA ALA C 10 29.09 20.48 25.59
C ALA C 10 27.65 20.02 25.35
N LEU C 11 27.27 19.84 24.08
CA LEU C 11 25.93 19.38 23.74
C LEU C 11 25.67 18.02 24.38
N GLU C 12 26.66 17.13 24.32
CA GLU C 12 26.55 15.79 24.91
C GLU C 12 26.39 15.88 26.42
N LYS C 13 27.15 16.79 27.04
CA LYS C 13 27.09 16.99 28.47
C LYS C 13 25.68 17.45 28.85
N GLN C 14 25.09 18.29 28.01
CA GLN C 14 23.74 18.82 28.23
C GLN C 14 22.59 17.84 27.99
N SER C 15 22.75 16.91 27.05
CA SER C 15 21.71 15.94 26.74
C SER C 15 21.61 14.82 27.77
N GLY C 16 22.70 14.53 28.45
CA GLY C 16 22.70 13.47 29.45
C GLY C 16 22.89 12.08 28.87
N GLY C 17 23.23 12.00 27.58
CA GLY C 17 23.42 10.70 26.96
C GLY C 17 24.76 10.53 26.28
N ARG C 18 24.84 9.60 25.32
CA ARG C 18 26.07 9.37 24.58
C ARG C 18 25.81 9.74 23.12
N LEU C 19 26.67 10.60 22.59
CA LEU C 19 26.54 11.10 21.23
C LEU C 19 27.66 10.65 20.29
N GLY C 20 27.26 10.14 19.12
CA GLY C 20 28.22 9.73 18.11
C GLY C 20 27.98 10.50 16.82
N VAL C 21 29.04 11.09 16.26
CA VAL C 21 28.88 11.85 15.02
C VAL C 21 30.01 11.68 14.02
N ALA C 22 29.62 11.58 12.75
CA ALA C 22 30.57 11.44 11.66
C ALA C 22 30.13 12.24 10.45
N LEU C 23 30.94 13.21 10.07
CA LEU C 23 30.64 14.04 8.92
C LEU C 23 31.75 13.85 7.90
N ILE C 24 31.37 13.66 6.64
CA ILE C 24 32.33 13.50 5.56
C ILE C 24 32.00 14.56 4.51
N ASN C 25 32.97 15.43 4.24
CA ASN C 25 32.81 16.50 3.26
C ASN C 25 33.43 16.06 1.93
N THR C 26 32.60 15.62 0.99
CA THR C 26 33.13 15.14 -0.29
C THR C 26 33.81 16.21 -1.14
N ALA C 27 33.95 17.41 -0.61
CA ALA C 27 34.63 18.46 -1.36
C ALA C 27 36.13 18.21 -1.29
N ASP C 28 36.62 17.87 -0.09
CA ASP C 28 38.03 17.61 0.12
C ASP C 28 38.23 16.34 0.94
N ASN C 29 37.15 15.59 1.15
CA ASN C 29 37.21 14.35 1.90
C ASN C 29 37.52 14.48 3.39
N SER C 30 37.49 15.70 3.90
CA SER C 30 37.76 15.96 5.31
C SER C 30 36.63 15.38 6.16
N GLN C 31 36.90 15.15 7.44
CA GLN C 31 35.89 14.58 8.33
C GLN C 31 35.80 15.31 9.67
N VAL C 32 34.66 15.14 10.34
CA VAL C 32 34.43 15.70 11.65
C VAL C 32 33.98 14.50 12.47
N LEU C 33 34.78 14.14 13.48
CA LEU C 33 34.49 12.96 14.28
C LEU C 33 34.28 13.18 15.77
N TYR C 34 33.36 12.43 16.34
CA TYR C 34 33.06 12.48 17.77
C TYR C 34 32.54 11.09 18.13
N ARG C 35 33.38 10.29 18.78
CA ARG C 35 33.05 8.91 19.14
C ARG C 35 32.68 8.16 17.86
N ALA C 36 33.26 8.58 16.75
CA ALA C 36 32.99 7.99 15.43
C ALA C 36 33.31 6.49 15.32
N ASP C 37 34.11 5.97 16.25
CA ASP C 37 34.42 4.55 16.20
C ASP C 37 33.65 3.70 17.20
N GLU C 38 32.85 4.34 18.05
CA GLU C 38 32.05 3.60 19.05
C GLU C 38 30.81 2.98 18.38
N ARG C 39 30.31 1.89 18.97
CA ARG C 39 29.12 1.21 18.45
C ARG C 39 27.83 1.75 19.06
N PHE C 40 26.76 1.81 18.25
CA PHE C 40 25.44 2.27 18.70
C PHE C 40 24.40 1.40 18.01
N ALA C 41 23.27 1.15 18.67
CA ALA C 41 22.21 0.36 18.07
C ALA C 41 21.59 1.18 16.91
N MET C 42 21.77 0.71 15.69
CA MET C 42 21.28 1.39 14.50
C MET C 42 19.76 1.63 14.49
N CYS C 43 19.02 0.65 15.01
CA CYS C 43 17.56 0.73 15.00
C CYS C 43 17.06 0.74 13.56
N SER C 44 16.16 1.66 13.20
CA SER C 44 15.65 1.67 11.83
C SER C 44 16.59 2.20 10.75
N THR C 45 17.73 2.77 11.13
CA THR C 45 18.66 3.26 10.11
C THR C 45 19.20 2.09 9.30
N SER C 46 19.12 0.89 9.88
CA SER C 46 19.59 -0.31 9.21
C SER C 46 18.73 -0.66 8.01
N LYS C 47 17.56 -0.03 7.93
CA LYS C 47 16.65 -0.29 6.82
C LYS C 47 17.24 0.14 5.48
N VAL C 48 18.18 1.08 5.52
CA VAL C 48 18.85 1.56 4.29
C VAL C 48 19.71 0.46 3.67
N MET C 49 20.48 -0.23 4.50
CA MET C 49 21.36 -1.32 4.04
C MET C 49 20.51 -2.49 3.54
N THR C 50 19.35 -2.69 4.15
CA THR C 50 18.43 -3.76 3.77
C THR C 50 17.80 -3.50 2.38
N ALA C 51 17.37 -2.26 2.15
CA ALA C 51 16.77 -1.92 0.86
C ALA C 51 17.84 -1.92 -0.23
N ALA C 52 19.05 -1.47 0.12
CA ALA C 52 20.14 -1.43 -0.84
C ALA C 52 20.48 -2.86 -1.26
N ALA C 53 20.39 -3.79 -0.31
CA ALA C 53 20.68 -5.20 -0.58
C ALA C 53 19.69 -5.76 -1.62
N VAL C 54 18.43 -5.32 -1.55
CA VAL C 54 17.41 -5.77 -2.50
C VAL C 54 17.66 -5.12 -3.85
N LEU C 55 18.10 -3.87 -3.84
CA LEU C 55 18.40 -3.15 -5.08
C LEU C 55 19.58 -3.84 -5.76
N LYS C 56 20.56 -4.27 -4.97
CA LYS C 56 21.73 -4.95 -5.52
C LYS C 56 21.34 -6.21 -6.27
N GLN C 57 20.33 -6.92 -5.76
CA GLN C 57 19.85 -8.14 -6.41
C GLN C 57 19.28 -7.84 -7.78
N SER C 58 18.51 -6.77 -7.87
CA SER C 58 17.86 -6.38 -9.12
C SER C 58 18.86 -6.10 -10.22
N GLU C 59 20.14 -5.99 -9.84
CA GLU C 59 21.20 -5.74 -10.80
C GLU C 59 21.51 -7.00 -11.62
N THR C 60 21.14 -8.17 -11.09
CA THR C 60 21.36 -9.44 -11.77
C THR C 60 20.05 -10.14 -12.18
N HIS C 61 19.07 -10.15 -11.26
CA HIS C 61 17.79 -10.78 -11.53
C HIS C 61 16.81 -9.71 -12.00
N ASP C 62 16.64 -9.60 -13.31
CA ASP C 62 15.77 -8.60 -13.91
C ASP C 62 14.32 -8.62 -13.44
N GLY C 63 13.78 -7.42 -13.21
CA GLY C 63 12.40 -7.28 -12.77
C GLY C 63 12.08 -7.87 -11.42
N ILE C 64 13.09 -8.20 -10.63
CA ILE C 64 12.83 -8.78 -9.32
C ILE C 64 12.12 -7.80 -8.39
N LEU C 65 12.27 -6.50 -8.70
CA LEU C 65 11.63 -5.44 -7.93
C LEU C 65 10.11 -5.46 -8.12
N GLN C 66 9.65 -6.22 -9.11
CA GLN C 66 8.22 -6.33 -9.39
C GLN C 66 7.62 -7.64 -8.86
N GLN C 67 8.44 -8.46 -8.21
CA GLN C 67 7.99 -9.73 -7.64
C GLN C 67 7.08 -9.45 -6.45
N LYS C 68 6.05 -10.28 -6.29
CA LYS C 68 5.06 -10.09 -5.24
C LYS C 68 5.17 -10.96 -3.99
N MET C 69 4.62 -10.44 -2.89
CA MET C 69 4.57 -11.12 -1.60
C MET C 69 3.18 -10.84 -1.05
N THR C 70 2.62 -11.80 -0.33
CA THR C 70 1.28 -11.59 0.23
C THR C 70 1.38 -11.04 1.64
N ILE C 71 0.47 -10.13 1.96
CA ILE C 71 0.44 -9.52 3.30
C ILE C 71 -0.68 -10.13 4.12
N LYS C 72 -0.33 -11.03 5.03
CA LYS C 72 -1.34 -11.67 5.87
C LYS C 72 -1.52 -10.87 7.16
N LYS C 73 -2.69 -11.01 7.78
CA LYS C 73 -2.97 -10.31 9.01
C LYS C 73 -2.01 -10.80 10.11
N ALA C 74 -1.45 -11.99 9.90
CA ALA C 74 -0.52 -12.56 10.85
C ALA C 74 0.88 -11.96 10.70
N ASP C 75 1.09 -11.21 9.63
CA ASP C 75 2.39 -10.58 9.40
C ASP C 75 2.51 -9.23 10.10
N LEU C 76 1.39 -8.54 10.26
CA LEU C 76 1.37 -7.22 10.88
C LEU C 76 2.14 -7.18 12.19
N THR C 77 2.82 -6.05 12.44
CA THR C 77 3.60 -5.86 13.66
C THR C 77 3.09 -4.68 14.50
N ASN C 78 4.01 -3.91 15.07
CA ASN C 78 3.66 -2.76 15.92
C ASN C 78 3.60 -1.44 15.16
N TRP C 79 3.92 -1.48 13.87
CA TRP C 79 3.88 -0.28 13.04
C TRP C 79 3.69 -0.65 11.57
N ASN C 80 2.46 -0.51 11.09
CA ASN C 80 2.14 -0.87 9.71
C ASN C 80 1.42 0.27 8.99
N PRO C 81 2.10 1.41 8.79
CA PRO C 81 1.50 2.56 8.11
C PRO C 81 1.05 2.27 6.67
N VAL C 82 1.78 1.41 5.99
CA VAL C 82 1.45 1.07 4.61
C VAL C 82 0.86 -0.32 4.49
N THR C 83 1.56 -1.31 5.03
CA THR C 83 1.14 -2.71 4.97
C THR C 83 -0.26 -3.04 5.50
N GLU C 84 -0.76 -2.26 6.46
CA GLU C 84 -2.09 -2.53 7.01
C GLU C 84 -3.15 -2.23 5.95
N LYS C 85 -2.72 -1.66 4.83
CA LYS C 85 -3.61 -1.31 3.74
C LYS C 85 -3.72 -2.46 2.74
N TYR C 86 -2.79 -3.41 2.80
CA TYR C 86 -2.80 -4.53 1.86
C TYR C 86 -3.04 -5.91 2.47
N VAL C 87 -3.53 -5.97 3.70
CA VAL C 87 -3.78 -7.27 4.34
C VAL C 87 -4.74 -8.07 3.47
N GLY C 88 -4.35 -9.29 3.09
CA GLY C 88 -5.18 -10.11 2.24
C GLY C 88 -4.98 -9.80 0.76
N ASN C 89 -3.89 -9.10 0.48
CA ASN C 89 -3.56 -8.72 -0.89
C ASN C 89 -2.04 -8.87 -1.09
N THR C 90 -1.48 -8.22 -2.08
CA THR C 90 -0.04 -8.32 -2.34
C THR C 90 0.66 -7.00 -2.62
N MET C 91 1.93 -6.95 -2.24
CA MET C 91 2.78 -5.79 -2.46
C MET C 91 4.06 -6.26 -3.18
N THR C 92 4.59 -5.42 -4.07
CA THR C 92 5.81 -5.77 -4.78
C THR C 92 7.01 -5.34 -3.95
N LEU C 93 8.14 -6.01 -4.13
CA LEU C 93 9.35 -5.70 -3.40
C LEU C 93 9.71 -4.22 -3.49
N ALA C 94 9.30 -3.57 -4.57
CA ALA C 94 9.57 -2.14 -4.75
C ALA C 94 8.73 -1.35 -3.75
N GLU C 95 7.44 -1.65 -3.69
CA GLU C 95 6.50 -0.98 -2.80
C GLU C 95 6.93 -1.21 -1.35
N LEU C 96 7.32 -2.43 -1.03
CA LEU C 96 7.76 -2.77 0.33
C LEU C 96 8.99 -1.96 0.71
N SER C 97 9.94 -1.83 -0.21
CA SER C 97 11.17 -1.07 0.05
C SER C 97 10.84 0.39 0.29
N ALA C 98 9.89 0.92 -0.49
CA ALA C 98 9.49 2.31 -0.38
C ALA C 98 8.72 2.55 0.91
N ALA C 99 8.07 1.52 1.42
CA ALA C 99 7.31 1.65 2.65
C ALA C 99 8.24 1.75 3.85
N THR C 100 9.22 0.85 3.94
CA THR C 100 10.15 0.85 5.06
C THR C 100 11.09 2.06 5.10
N LEU C 101 11.39 2.64 3.95
CA LEU C 101 12.29 3.78 3.90
C LEU C 101 11.65 5.15 4.07
N GLN C 102 10.43 5.31 3.56
CA GLN C 102 9.75 6.59 3.62
C GLN C 102 8.72 6.72 4.73
N TYR C 103 8.33 5.60 5.33
CA TYR C 103 7.36 5.55 6.42
C TYR C 103 7.85 4.64 7.55
N SER C 104 9.03 4.08 7.38
CA SER C 104 9.65 3.19 8.36
C SER C 104 8.78 1.98 8.75
N ASP C 105 7.98 1.50 7.80
CA ASP C 105 7.09 0.35 8.03
C ASP C 105 7.93 -0.85 8.51
N ASN C 106 7.56 -1.40 9.67
CA ASN C 106 8.28 -2.54 10.26
C ASN C 106 7.85 -3.88 9.67
N THR C 107 6.61 -3.95 9.21
CA THR C 107 6.11 -5.19 8.61
C THR C 107 6.80 -5.35 7.26
N ALA C 108 6.91 -4.25 6.52
CA ALA C 108 7.54 -4.28 5.22
C ALA C 108 9.02 -4.62 5.38
N MET C 109 9.63 -4.11 6.45
CA MET C 109 11.03 -4.38 6.74
C MET C 109 11.22 -5.90 6.88
N ASN C 110 10.32 -6.51 7.66
CA ASN C 110 10.39 -7.95 7.88
C ASN C 110 10.14 -8.74 6.61
N LYS C 111 9.29 -8.20 5.73
CA LYS C 111 8.99 -8.88 4.48
C LYS C 111 10.24 -8.91 3.61
N LEU C 112 11.01 -7.83 3.62
CA LEU C 112 12.24 -7.80 2.84
C LEU C 112 13.26 -8.78 3.43
N LEU C 113 13.29 -8.87 4.76
CA LEU C 113 14.21 -9.78 5.45
C LEU C 113 13.86 -11.24 5.13
N ALA C 114 12.57 -11.49 4.90
CA ALA C 114 12.13 -12.84 4.57
C ALA C 114 12.60 -13.16 3.16
N HIS C 115 12.42 -12.20 2.25
CA HIS C 115 12.83 -12.36 0.86
C HIS C 115 14.34 -12.56 0.74
N LEU C 116 15.11 -11.78 1.51
CA LEU C 116 16.57 -11.86 1.46
C LEU C 116 17.15 -13.10 2.15
N GLY C 117 16.39 -13.73 3.04
CA GLY C 117 16.87 -14.91 3.72
C GLY C 117 17.31 -14.71 5.16
N GLY C 118 17.02 -13.54 5.72
CA GLY C 118 17.40 -13.27 7.09
C GLY C 118 18.42 -12.15 7.23
N PRO C 119 18.56 -11.56 8.44
CA PRO C 119 19.48 -10.47 8.77
C PRO C 119 20.92 -10.80 8.38
N GLY C 120 21.27 -12.07 8.58
CA GLY C 120 22.61 -12.53 8.26
C GLY C 120 23.01 -12.17 6.83
N ASN C 121 22.02 -12.09 5.94
CA ASN C 121 22.30 -11.73 4.55
C ASN C 121 22.49 -10.24 4.32
N VAL C 122 21.89 -9.40 5.17
CA VAL C 122 22.08 -7.95 5.02
C VAL C 122 23.51 -7.62 5.44
N THR C 123 23.95 -8.28 6.50
CA THR C 123 25.30 -8.11 7.04
C THR C 123 26.30 -8.54 5.94
N ALA C 124 25.98 -9.63 5.26
CA ALA C 124 26.85 -10.12 4.18
C ALA C 124 26.94 -9.05 3.09
N PHE C 125 25.83 -8.37 2.83
CA PHE C 125 25.83 -7.32 1.81
C PHE C 125 26.74 -6.17 2.26
N ALA C 126 26.64 -5.80 3.54
CA ALA C 126 27.47 -4.72 4.07
C ALA C 126 28.95 -5.05 3.88
N ARG C 127 29.30 -6.31 4.16
CA ARG C 127 30.69 -6.74 4.00
C ARG C 127 31.06 -6.59 2.53
N SER C 128 30.14 -6.95 1.64
CA SER C 128 30.42 -6.86 0.21
C SER C 128 30.76 -5.43 -0.27
N ILE C 129 30.44 -4.42 0.54
CA ILE C 129 30.75 -3.05 0.14
C ILE C 129 31.83 -2.36 0.98
N GLY C 130 32.60 -3.16 1.74
CA GLY C 130 33.67 -2.59 2.55
C GLY C 130 33.39 -2.36 4.02
N ASP C 131 32.16 -2.58 4.46
CA ASP C 131 31.78 -2.37 5.85
C ASP C 131 31.97 -3.62 6.71
N THR C 132 32.97 -3.62 7.58
CA THR C 132 33.21 -4.76 8.46
C THR C 132 32.73 -4.48 9.89
N THR C 133 32.03 -3.37 10.06
CA THR C 133 31.53 -2.98 11.38
C THR C 133 30.04 -3.29 11.52
N PHE C 134 29.27 -3.00 10.48
CA PHE C 134 27.83 -3.26 10.47
C PHE C 134 27.51 -4.73 10.77
N ARG C 135 26.40 -4.96 11.46
CA ARG C 135 25.96 -6.33 11.74
C ARG C 135 24.48 -6.32 12.13
N LEU C 136 23.70 -7.13 11.44
CA LEU C 136 22.27 -7.22 11.72
C LEU C 136 21.97 -8.61 12.23
N ASP C 137 21.31 -8.70 13.38
CA ASP C 137 21.03 -9.99 14.01
C ASP C 137 19.56 -10.35 14.17
N ARG C 138 18.70 -9.35 14.22
CA ARG C 138 17.28 -9.64 14.42
C ARG C 138 16.33 -8.83 13.53
N LYS C 139 15.07 -9.24 13.52
CA LYS C 139 14.06 -8.54 12.73
C LYS C 139 13.23 -7.64 13.63
N GLU C 140 12.27 -6.92 13.05
CA GLU C 140 11.40 -6.04 13.82
C GLU C 140 10.47 -6.85 14.71
N PRO C 141 10.18 -6.35 15.92
CA PRO C 141 10.72 -5.10 16.48
C PRO C 141 11.87 -5.32 17.46
N GLU C 142 12.25 -6.59 17.66
CA GLU C 142 13.31 -6.95 18.59
C GLU C 142 14.67 -6.30 18.39
N LEU C 143 14.96 -5.84 17.17
CA LEU C 143 16.26 -5.24 16.89
C LEU C 143 16.43 -3.84 17.50
N ASN C 144 15.42 -3.36 18.20
CA ASN C 144 15.50 -2.04 18.81
C ASN C 144 15.76 -2.05 20.31
N THR C 145 16.02 -3.22 20.89
CA THR C 145 16.27 -3.30 22.34
C THR C 145 17.38 -2.34 22.78
N ALA C 146 18.37 -2.14 21.91
CA ALA C 146 19.47 -1.21 22.18
C ALA C 146 20.05 -1.28 23.60
N ILE C 147 20.28 -2.48 24.11
CA ILE C 147 20.82 -2.64 25.44
C ILE C 147 22.28 -2.19 25.55
N PRO C 148 22.62 -1.34 26.54
CA PRO C 148 23.98 -0.85 26.72
C PRO C 148 24.97 -2.02 26.78
N GLY C 149 26.05 -1.93 26.00
CA GLY C 149 27.04 -3.00 25.98
C GLY C 149 26.79 -4.09 24.95
N ASP C 150 25.51 -4.31 24.61
CA ASP C 150 25.10 -5.33 23.63
C ASP C 150 25.57 -4.90 22.23
N GLU C 151 26.19 -5.82 21.49
CA GLU C 151 26.68 -5.46 20.15
C GLU C 151 25.75 -5.83 19.01
N ARG C 152 24.74 -6.63 19.30
CA ARG C 152 23.78 -7.06 18.29
C ARG C 152 23.16 -5.84 17.59
N ASP C 153 22.97 -5.94 16.28
CA ASP C 153 22.36 -4.88 15.48
C ASP C 153 22.93 -3.48 15.74
N THR C 154 24.25 -3.38 15.69
CA THR C 154 24.97 -2.12 15.93
C THR C 154 25.99 -1.81 14.83
N THR C 155 26.54 -0.59 14.88
CA THR C 155 27.56 -0.15 13.96
C THR C 155 28.17 1.15 14.48
N SER C 156 29.12 1.72 13.78
CA SER C 156 29.74 2.96 14.22
C SER C 156 29.37 4.10 13.29
N PRO C 157 29.43 5.34 13.78
CA PRO C 157 29.09 6.51 12.98
C PRO C 157 29.92 6.64 11.70
N LEU C 158 31.24 6.58 11.85
CA LEU C 158 32.14 6.69 10.71
C LEU C 158 31.98 5.54 9.72
N ALA C 159 31.65 4.36 10.22
CA ALA C 159 31.48 3.21 9.33
C ALA C 159 30.21 3.36 8.52
N MET C 160 29.11 3.73 9.18
CA MET C 160 27.85 3.91 8.48
C MET C 160 27.94 5.09 7.52
N ALA C 161 28.72 6.09 7.91
CA ALA C 161 28.89 7.27 7.05
C ALA C 161 29.58 6.89 5.75
N LYS C 162 30.59 6.04 5.84
CA LYS C 162 31.32 5.63 4.65
C LYS C 162 30.46 4.76 3.77
N SER C 163 29.61 3.94 4.39
CA SER C 163 28.72 3.06 3.63
C SER C 163 27.59 3.83 2.93
N LEU C 164 27.01 4.82 3.61
CA LEU C 164 25.94 5.59 2.99
C LEU C 164 26.53 6.36 1.80
N ARG C 165 27.79 6.79 1.93
CA ARG C 165 28.44 7.50 0.84
C ARG C 165 28.58 6.57 -0.37
N LYS C 166 29.11 5.37 -0.12
CA LYS C 166 29.31 4.39 -1.19
C LYS C 166 28.03 3.99 -1.92
N LEU C 167 26.93 3.93 -1.19
CA LEU C 167 25.65 3.52 -1.76
C LEU C 167 24.93 4.63 -2.52
N THR C 168 25.04 5.86 -2.02
CA THR C 168 24.33 6.98 -2.65
C THR C 168 25.16 7.92 -3.51
N LEU C 169 26.48 7.75 -3.52
CA LEU C 169 27.35 8.60 -4.30
C LEU C 169 28.46 7.84 -5.02
N GLY C 170 28.96 6.78 -4.38
CA GLY C 170 30.03 5.99 -4.95
C GLY C 170 29.57 4.92 -5.93
N ASP C 171 30.33 3.83 -6.04
CA ASP C 171 30.02 2.74 -6.97
C ASP C 171 29.56 1.41 -6.38
N ALA C 172 29.06 1.41 -5.15
CA ALA C 172 28.58 0.18 -4.55
C ALA C 172 27.36 -0.30 -5.34
N LEU C 173 26.60 0.64 -5.90
CA LEU C 173 25.41 0.30 -6.68
C LEU C 173 25.51 0.79 -8.13
N ALA C 174 24.73 0.18 -9.02
CA ALA C 174 24.73 0.59 -10.42
C ALA C 174 23.90 1.86 -10.54
N GLY C 175 23.98 2.52 -11.70
CA GLY C 175 23.26 3.75 -11.94
C GLY C 175 21.80 3.83 -11.54
N PRO C 176 20.92 3.03 -12.17
CA PRO C 176 19.49 3.03 -11.86
C PRO C 176 19.15 2.68 -10.41
N GLN C 177 19.86 1.71 -9.84
CA GLN C 177 19.62 1.31 -8.45
C GLN C 177 20.06 2.41 -7.48
N ARG C 178 21.16 3.07 -7.83
CA ARG C 178 21.69 4.16 -7.01
C ARG C 178 20.73 5.34 -7.03
N ALA C 179 20.15 5.61 -8.20
CA ALA C 179 19.21 6.71 -8.38
C ALA C 179 17.93 6.48 -7.61
N GLN C 180 17.47 5.23 -7.59
CA GLN C 180 16.24 4.90 -6.87
C GLN C 180 16.40 5.02 -5.35
N LEU C 181 17.59 4.70 -4.85
CA LEU C 181 17.85 4.79 -3.41
C LEU C 181 17.82 6.25 -3.01
N VAL C 182 18.55 7.07 -3.76
CA VAL C 182 18.60 8.49 -3.49
C VAL C 182 17.18 9.06 -3.48
N ASP C 183 16.37 8.66 -4.46
CA ASP C 183 14.98 9.12 -4.56
C ASP C 183 14.15 8.67 -3.35
N TRP C 184 14.33 7.43 -2.92
CA TRP C 184 13.58 6.94 -1.76
C TRP C 184 13.98 7.69 -0.49
N LEU C 185 15.27 7.95 -0.33
CA LEU C 185 15.79 8.67 0.83
C LEU C 185 15.33 10.12 0.83
N LYS C 186 15.20 10.71 -0.35
CA LYS C 186 14.74 12.09 -0.49
C LYS C 186 13.25 12.21 -0.19
N GLY C 187 12.53 11.09 -0.30
CA GLY C 187 11.11 11.09 -0.04
C GLY C 187 10.73 10.59 1.34
N ASN C 188 11.69 10.60 2.26
CA ASN C 188 11.42 10.16 3.63
C ASN C 188 10.49 11.18 4.29
N THR C 189 9.49 10.68 5.01
CA THR C 189 8.52 11.55 5.67
C THR C 189 8.71 11.65 7.20
N THR C 190 9.63 10.89 7.77
CA THR C 190 9.81 10.93 9.21
C THR C 190 11.00 11.71 9.73
N GLY C 191 11.77 12.34 8.85
CA GLY C 191 12.96 13.07 9.29
C GLY C 191 12.90 14.57 9.44
N GLY C 192 11.70 15.15 9.49
CA GLY C 192 11.56 16.60 9.62
C GLY C 192 12.09 17.24 10.89
N GLN C 193 12.10 16.52 12.01
CA GLN C 193 12.60 17.09 13.26
C GLN C 193 14.03 16.74 13.60
N SER C 194 14.63 15.85 12.81
CA SER C 194 15.99 15.43 13.10
C SER C 194 17.08 16.25 12.36
N ILE C 195 17.96 15.59 11.62
CA ILE C 195 19.04 16.29 10.93
C ILE C 195 18.56 17.48 10.10
N ARG C 196 17.48 17.27 9.35
CA ARG C 196 16.91 18.34 8.52
C ARG C 196 16.70 19.62 9.33
N ALA C 197 16.09 19.47 10.49
CA ALA C 197 15.78 20.61 11.36
C ALA C 197 16.96 21.48 11.77
N GLY C 198 18.18 21.01 11.53
CA GLY C 198 19.34 21.81 11.90
C GLY C 198 20.07 22.35 10.68
N LEU C 199 19.42 22.25 9.52
CA LEU C 199 20.00 22.72 8.27
C LEU C 199 19.18 23.76 7.53
N PRO C 200 19.85 24.60 6.70
CA PRO C 200 19.17 25.64 5.93
C PRO C 200 18.03 24.95 5.16
N ALA C 201 16.82 25.46 5.29
CA ALA C 201 15.66 24.82 4.66
C ALA C 201 15.69 24.54 3.17
N HIS C 202 16.47 25.31 2.40
CA HIS C 202 16.53 25.11 0.95
C HIS C 202 17.53 24.02 0.50
N TRP C 203 18.30 23.48 1.45
CA TRP C 203 19.27 22.41 1.15
C TRP C 203 18.50 21.12 0.87
N VAL C 204 18.98 20.32 -0.10
CA VAL C 204 18.31 19.07 -0.46
C VAL C 204 18.82 17.92 0.40
N VAL C 205 17.91 17.08 0.89
CA VAL C 205 18.29 16.01 1.80
C VAL C 205 17.65 14.64 1.62
N GLY C 206 18.48 13.62 1.79
CA GLY C 206 18.02 12.25 1.73
C GLY C 206 18.40 11.69 3.10
N ASP C 207 17.47 11.06 3.80
CA ASP C 207 17.79 10.51 5.12
C ASP C 207 16.87 9.39 5.57
N LYS C 208 17.28 8.72 6.65
CA LYS C 208 16.48 7.65 7.24
C LYS C 208 16.68 7.77 8.75
N THR C 209 15.58 7.80 9.49
CA THR C 209 15.66 7.92 10.95
C THR C 209 15.57 6.57 11.67
N GLY C 210 15.76 6.63 12.97
CA GLY C 210 15.68 5.44 13.79
C GLY C 210 15.33 5.84 15.21
N ALA C 211 14.65 4.95 15.91
CA ALA C 211 14.26 5.20 17.28
C ALA C 211 14.01 3.88 17.99
N GLY C 212 14.57 3.74 19.19
CA GLY C 212 14.39 2.51 19.94
C GLY C 212 14.52 2.73 21.44
N ASP C 213 14.55 1.64 22.20
CA ASP C 213 14.67 1.71 23.65
C ASP C 213 15.91 2.49 24.06
N TYR C 214 15.97 2.84 25.35
CA TYR C 214 17.08 3.61 25.90
C TYR C 214 17.16 4.97 25.21
N GLY C 215 15.99 5.47 24.81
CA GLY C 215 15.90 6.77 24.16
C GLY C 215 16.89 6.92 23.01
N THR C 216 17.09 5.83 22.29
CA THR C 216 18.02 5.85 21.17
C THR C 216 17.33 6.62 20.05
N THR C 217 18.00 7.64 19.55
CA THR C 217 17.45 8.47 18.49
C THR C 217 18.50 8.66 17.41
N ASN C 218 18.24 8.14 16.21
CA ASN C 218 19.24 8.25 15.15
C ASN C 218 18.78 8.82 13.83
N ASP C 219 19.77 9.18 13.00
CA ASP C 219 19.50 9.74 11.69
C ASP C 219 20.78 9.75 10.86
N ILE C 220 20.68 9.25 9.63
CA ILE C 220 21.82 9.25 8.72
C ILE C 220 21.35 9.97 7.45
N ALA C 221 22.22 10.75 6.84
CA ALA C 221 21.78 11.48 5.68
C ALA C 221 22.84 11.91 4.67
N VAL C 222 22.36 12.18 3.45
CA VAL C 222 23.19 12.67 2.35
C VAL C 222 22.67 14.09 2.18
N ILE C 223 23.57 15.06 2.14
CA ILE C 223 23.17 16.45 2.05
C ILE C 223 23.81 17.23 0.92
N TRP C 224 23.00 17.92 0.14
CA TRP C 224 23.48 18.74 -0.96
C TRP C 224 23.25 20.22 -0.60
N PRO C 225 24.31 20.95 -0.22
CA PRO C 225 24.19 22.37 0.15
C PRO C 225 24.23 23.21 -1.11
N GLU C 226 23.06 23.69 -1.53
CA GLU C 226 22.95 24.51 -2.75
C GLU C 226 23.68 23.80 -3.91
N ASP C 227 24.67 24.45 -4.50
CA ASP C 227 25.38 23.84 -5.63
C ASP C 227 26.78 23.32 -5.30
N ARG C 228 27.06 23.14 -4.01
CA ARG C 228 28.37 22.66 -3.55
C ARG C 228 28.40 21.13 -3.36
N ALA C 229 29.60 20.56 -3.25
CA ALA C 229 29.73 19.10 -3.08
C ALA C 229 28.93 18.59 -1.89
N PRO C 230 28.37 17.38 -2.01
CA PRO C 230 27.56 16.74 -0.97
C PRO C 230 28.30 16.44 0.34
N LEU C 231 27.53 16.29 1.41
CA LEU C 231 28.08 16.00 2.72
C LEU C 231 27.35 14.76 3.19
N VAL C 232 28.06 13.86 3.87
CA VAL C 232 27.44 12.65 4.39
C VAL C 232 27.52 12.77 5.91
N LEU C 233 26.36 12.71 6.56
CA LEU C 233 26.30 12.85 8.00
C LEU C 233 25.57 11.74 8.72
N VAL C 234 26.15 11.30 9.83
CA VAL C 234 25.53 10.28 10.67
C VAL C 234 25.49 10.86 12.09
N THR C 235 24.29 10.95 12.65
CA THR C 235 24.12 11.45 14.01
C THR C 235 23.42 10.36 14.81
N TYR C 236 23.98 9.75 15.67
CA TYR C 236 23.65 8.66 16.57
C TYR C 236 23.55 9.17 18.00
N PHE C 237 22.53 8.74 18.73
CA PHE C 237 22.36 9.16 20.11
C PHE C 237 21.63 8.12 20.95
N THR C 238 22.16 7.85 22.14
CA THR C 238 21.52 6.90 23.04
C THR C 238 21.60 7.40 24.49
N GLN C 239 20.71 6.91 25.36
CA GLN C 239 20.69 7.38 26.74
C GLN C 239 20.81 6.26 27.81
N PRO C 240 20.95 6.62 29.10
CA PRO C 240 21.08 5.69 30.24
C PRO C 240 19.82 4.94 30.67
N GLN C 241 18.66 5.59 30.56
CA GLN C 241 17.41 4.96 30.96
C GLN C 241 16.73 4.18 29.84
N GLN C 242 16.33 2.95 30.16
CA GLN C 242 15.65 2.09 29.20
C GLN C 242 14.39 2.74 28.65
N ASP C 243 13.72 3.55 29.46
CA ASP C 243 12.50 4.21 29.00
C ASP C 243 12.65 5.70 28.73
N ALA C 244 13.87 6.14 28.43
CA ALA C 244 14.09 7.56 28.13
C ALA C 244 13.32 7.97 26.89
N LYS C 245 12.97 9.25 26.81
CA LYS C 245 12.24 9.79 25.67
C LYS C 245 13.25 10.11 24.55
N TRP C 246 12.77 10.11 23.32
CA TRP C 246 13.63 10.39 22.17
C TRP C 246 14.03 11.86 22.11
N ARG C 247 15.23 12.11 21.61
CA ARG C 247 15.76 13.47 21.54
C ARG C 247 16.17 13.90 20.15
N LYS C 248 15.20 13.92 19.23
CA LYS C 248 15.45 14.33 17.85
C LYS C 248 16.14 15.68 17.75
N ASP C 249 15.87 16.56 18.72
CA ASP C 249 16.45 17.90 18.75
C ASP C 249 17.97 17.89 18.99
N VAL C 250 18.48 16.83 19.63
CA VAL C 250 19.90 16.74 19.87
C VAL C 250 20.64 16.49 18.54
N LEU C 251 20.01 15.73 17.65
CA LEU C 251 20.60 15.42 16.35
C LEU C 251 20.63 16.70 15.53
N ALA C 252 19.53 17.44 15.56
CA ALA C 252 19.44 18.70 14.83
C ALA C 252 20.55 19.65 15.31
N ALA C 253 20.72 19.75 16.62
CA ALA C 253 21.74 20.63 17.19
C ALA C 253 23.15 20.21 16.76
N ALA C 254 23.42 18.92 16.74
CA ALA C 254 24.73 18.43 16.33
C ALA C 254 24.92 18.79 14.85
N ALA C 255 23.88 18.58 14.06
CA ALA C 255 23.93 18.88 12.62
C ALA C 255 24.31 20.33 12.42
N LYS C 256 23.58 21.21 13.10
CA LYS C 256 23.82 22.64 13.01
C LYS C 256 25.27 23.00 13.27
N ILE C 257 25.84 22.42 14.33
CA ILE C 257 27.23 22.68 14.71
C ILE C 257 28.25 22.30 13.63
N VAL C 258 28.18 21.07 13.14
CA VAL C 258 29.15 20.58 12.17
C VAL C 258 28.98 20.98 10.70
N THR C 259 27.76 21.28 10.26
CA THR C 259 27.55 21.67 8.86
C THR C 259 27.62 23.18 8.66
N GLU C 260 27.72 23.92 9.75
CA GLU C 260 27.81 25.38 9.70
C GLU C 260 28.95 25.84 8.79
N GLY C 261 28.62 26.71 7.84
CA GLY C 261 29.59 27.23 6.89
C GLY C 261 29.78 26.43 5.61
N LYS C 262 29.22 25.23 5.55
CA LYS C 262 29.37 24.37 4.37
C LYS C 262 28.47 24.76 3.20
N VAL D 1 0.99 18.82 -22.49
CA VAL D 1 2.19 18.15 -22.98
C VAL D 1 2.04 17.77 -24.45
N GLN D 2 0.91 18.17 -24.95
CA GLN D 2 0.49 18.05 -26.33
C GLN D 2 0.53 19.54 -26.66
N GLN D 3 0.46 20.27 -25.55
CA GLN D 3 0.47 21.70 -25.52
C GLN D 3 1.92 22.18 -25.45
N VAL D 4 2.82 21.25 -25.05
CA VAL D 4 4.24 21.56 -24.98
C VAL D 4 4.77 21.60 -26.40
N GLN D 5 4.33 20.63 -27.22
CA GLN D 5 4.75 20.56 -28.60
C GLN D 5 4.29 21.80 -29.36
N LYS D 6 3.06 22.23 -29.09
CA LYS D 6 2.52 23.40 -29.76
C LYS D 6 3.31 24.64 -29.34
N LYS D 7 3.72 24.71 -28.07
CA LYS D 7 4.49 25.86 -27.59
C LYS D 7 5.91 25.91 -28.17
N LEU D 8 6.54 24.76 -28.29
CA LEU D 8 7.88 24.69 -28.87
C LEU D 8 7.81 25.04 -30.35
N ALA D 9 6.83 24.46 -31.04
CA ALA D 9 6.66 24.70 -32.47
C ALA D 9 6.51 26.21 -32.72
N ALA D 10 5.78 26.89 -31.84
CA ALA D 10 5.57 28.33 -31.97
C ALA D 10 6.84 29.12 -31.66
N LEU D 11 7.55 28.70 -30.61
CA LEU D 11 8.80 29.36 -30.23
C LEU D 11 9.78 29.35 -31.41
N GLU D 12 9.96 28.19 -32.02
CA GLU D 12 10.86 28.05 -33.15
C GLU D 12 10.39 28.93 -34.31
N LYS D 13 9.07 28.98 -34.51
CA LYS D 13 8.49 29.79 -35.58
C LYS D 13 8.83 31.26 -35.39
N GLN D 14 8.57 31.77 -34.18
CA GLN D 14 8.85 33.16 -33.82
C GLN D 14 10.35 33.49 -33.85
N SER D 15 11.20 32.51 -33.55
CA SER D 15 12.64 32.74 -33.52
C SER D 15 13.27 32.85 -34.90
N GLY D 16 12.71 32.14 -35.87
CA GLY D 16 13.24 32.18 -37.22
C GLY D 16 14.50 31.34 -37.42
N GLY D 17 14.67 30.33 -36.56
CA GLY D 17 15.82 29.46 -36.65
C GLY D 17 15.39 28.01 -36.57
N ARG D 18 16.31 27.13 -36.20
CA ARG D 18 16.02 25.72 -36.06
C ARG D 18 16.33 25.32 -34.63
N LEU D 19 15.30 24.86 -33.93
CA LEU D 19 15.40 24.46 -32.54
C LEU D 19 15.51 22.96 -32.32
N GLY D 20 16.35 22.57 -31.37
CA GLY D 20 16.54 21.17 -31.04
C GLY D 20 16.41 20.97 -29.54
N VAL D 21 15.42 20.17 -29.13
CA VAL D 21 15.23 19.93 -27.71
C VAL D 21 15.04 18.48 -27.34
N ALA D 22 15.73 18.07 -26.28
CA ALA D 22 15.60 16.72 -25.77
C ALA D 22 15.63 16.82 -24.24
N LEU D 23 14.57 16.32 -23.62
CA LEU D 23 14.47 16.35 -22.17
C LEU D 23 14.25 14.96 -21.61
N ILE D 24 15.10 14.55 -20.68
CA ILE D 24 14.96 13.25 -20.05
C ILE D 24 14.60 13.42 -18.57
N ASN D 25 13.45 12.90 -18.19
CA ASN D 25 12.97 12.96 -16.81
C ASN D 25 13.32 11.64 -16.15
N THR D 26 14.41 11.61 -15.38
CA THR D 26 14.83 10.38 -14.73
C THR D 26 13.82 9.88 -13.70
N ALA D 27 12.75 10.62 -13.49
CA ALA D 27 11.75 10.19 -12.53
C ALA D 27 11.10 8.93 -13.09
N ASP D 28 10.76 8.97 -14.39
CA ASP D 28 10.11 7.84 -15.03
C ASP D 28 10.68 7.51 -16.39
N ASN D 29 11.82 8.13 -16.73
CA ASN D 29 12.47 7.91 -18.01
C ASN D 29 11.66 8.41 -19.21
N SER D 30 10.65 9.24 -18.96
CA SER D 30 9.83 9.80 -20.04
C SER D 30 10.65 10.88 -20.74
N GLN D 31 10.30 11.22 -21.98
CA GLN D 31 11.05 12.22 -22.73
C GLN D 31 10.19 13.28 -23.43
N VAL D 32 10.81 14.41 -23.74
CA VAL D 32 10.19 15.50 -24.47
C VAL D 32 11.16 15.72 -25.62
N LEU D 33 10.72 15.46 -26.84
CA LEU D 33 11.59 15.59 -27.99
C LEU D 33 11.11 16.58 -29.04
N TYR D 34 12.05 17.30 -29.62
CA TYR D 34 11.78 18.27 -30.68
C TYR D 34 13.01 18.24 -31.58
N ARG D 35 12.85 17.62 -32.76
CA ARG D 35 13.95 17.48 -33.70
C ARG D 35 15.09 16.83 -32.90
N ALA D 36 14.73 15.95 -31.99
CA ALA D 36 15.70 15.27 -31.13
C ALA D 36 16.71 14.40 -31.88
N ASP D 37 16.43 14.07 -33.13
CA ASP D 37 17.34 13.24 -33.91
C ASP D 37 18.12 13.99 -34.99
N GLU D 38 17.90 15.30 -35.11
CA GLU D 38 18.60 16.11 -36.11
C GLU D 38 19.97 16.57 -35.60
N ARG D 39 20.96 16.65 -36.49
CA ARG D 39 22.30 17.07 -36.11
C ARG D 39 22.45 18.60 -36.00
N PHE D 40 23.24 19.04 -35.03
CA PHE D 40 23.52 20.47 -34.80
C PHE D 40 24.99 20.61 -34.44
N ALA D 41 25.63 21.71 -34.85
CA ALA D 41 27.04 21.94 -34.51
C ALA D 41 27.08 22.11 -33.00
N MET D 42 27.84 21.27 -32.32
CA MET D 42 27.94 21.31 -30.86
C MET D 42 28.64 22.54 -30.31
N CYS D 43 29.63 23.02 -31.03
CA CYS D 43 30.40 24.17 -30.59
C CYS D 43 31.07 23.85 -29.25
N SER D 44 31.02 24.77 -28.28
CA SER D 44 31.66 24.51 -27.00
C SER D 44 31.08 23.42 -26.10
N THR D 45 29.85 22.95 -26.37
CA THR D 45 29.28 21.90 -25.53
C THR D 45 30.05 20.59 -25.71
N SER D 46 30.94 20.56 -26.70
CA SER D 46 31.74 19.38 -26.95
C SER D 46 32.83 19.26 -25.88
N LYS D 47 33.10 20.35 -25.18
CA LYS D 47 34.11 20.32 -24.13
C LYS D 47 33.76 19.35 -23.01
N VAL D 48 32.47 19.08 -22.82
CA VAL D 48 32.06 18.16 -21.77
C VAL D 48 32.57 16.74 -22.08
N MET D 49 32.31 16.27 -23.30
CA MET D 49 32.76 14.92 -23.68
C MET D 49 34.29 14.87 -23.62
N THR D 50 34.93 15.96 -24.03
CA THR D 50 36.40 16.05 -24.02
C THR D 50 36.93 15.95 -22.59
N ALA D 51 36.38 16.76 -21.70
CA ALA D 51 36.81 16.76 -20.30
C ALA D 51 36.53 15.41 -19.64
N ALA D 52 35.45 14.76 -20.06
CA ALA D 52 35.09 13.46 -19.51
C ALA D 52 36.07 12.38 -19.97
N ALA D 53 36.69 12.62 -21.12
CA ALA D 53 37.66 11.68 -21.69
C ALA D 53 38.95 11.73 -20.87
N VAL D 54 39.28 12.91 -20.37
CA VAL D 54 40.49 13.06 -19.57
C VAL D 54 40.24 12.47 -18.18
N LEU D 55 39.01 12.63 -17.68
CA LEU D 55 38.65 12.08 -16.38
C LEU D 55 38.73 10.58 -16.48
N LYS D 56 38.27 10.04 -17.61
CA LYS D 56 38.31 8.61 -17.82
C LYS D 56 39.74 8.13 -17.68
N GLN D 57 40.69 8.84 -18.28
CA GLN D 57 42.11 8.46 -18.20
C GLN D 57 42.62 8.39 -16.76
N SER D 58 42.29 9.42 -15.97
CA SER D 58 42.74 9.48 -14.58
C SER D 58 42.34 8.25 -13.79
N GLU D 59 41.37 7.50 -14.28
CA GLU D 59 40.92 6.29 -13.61
C GLU D 59 41.99 5.18 -13.70
N THR D 60 42.91 5.30 -14.66
CA THR D 60 43.95 4.30 -14.85
C THR D 60 45.34 4.85 -14.57
N HIS D 61 45.57 6.09 -14.95
CA HIS D 61 46.86 6.74 -14.75
C HIS D 61 46.76 7.68 -13.54
N ASP D 62 47.13 7.15 -12.39
CA ASP D 62 47.09 7.88 -11.12
C ASP D 62 47.80 9.23 -11.17
N GLY D 63 47.10 10.28 -10.74
CA GLY D 63 47.67 11.61 -10.71
C GLY D 63 47.95 12.27 -12.05
N ILE D 64 47.35 11.75 -13.10
CA ILE D 64 47.55 12.32 -14.43
C ILE D 64 46.96 13.72 -14.51
N LEU D 65 45.96 13.99 -13.66
CA LEU D 65 45.31 15.30 -13.60
C LEU D 65 46.22 16.38 -13.03
N GLN D 66 47.31 15.96 -12.39
CA GLN D 66 48.27 16.91 -11.83
C GLN D 66 49.42 17.12 -12.80
N GLN D 67 49.35 16.46 -13.96
CA GLN D 67 50.37 16.58 -14.98
C GLN D 67 50.34 17.99 -15.57
N LYS D 68 51.52 18.54 -15.83
CA LYS D 68 51.63 19.90 -16.34
C LYS D 68 51.89 20.05 -17.83
N MET D 69 51.44 21.18 -18.36
CA MET D 69 51.64 21.55 -19.76
C MET D 69 52.10 23.01 -19.69
N THR D 70 52.92 23.43 -20.64
CA THR D 70 53.41 24.80 -20.63
C THR D 70 52.64 25.71 -21.59
N ILE D 71 52.24 26.87 -21.09
CA ILE D 71 51.50 27.81 -21.92
C ILE D 71 52.47 28.76 -22.61
N LYS D 72 52.42 28.73 -23.94
CA LYS D 72 53.28 29.59 -24.76
C LYS D 72 52.39 30.72 -25.27
N LYS D 73 52.98 31.87 -25.56
CA LYS D 73 52.18 32.97 -26.06
C LYS D 73 51.66 32.61 -27.45
N ALA D 74 52.40 31.75 -28.15
CA ALA D 74 52.02 31.31 -29.49
C ALA D 74 50.83 30.36 -29.43
N ASP D 75 50.47 29.95 -28.21
CA ASP D 75 49.33 29.04 -28.00
C ASP D 75 48.00 29.79 -27.90
N LEU D 76 48.04 31.07 -27.59
CA LEU D 76 46.84 31.88 -27.44
C LEU D 76 45.96 31.88 -28.69
N THR D 77 44.65 31.83 -28.48
CA THR D 77 43.69 31.82 -29.57
C THR D 77 42.84 33.08 -29.59
N ASN D 78 41.53 32.93 -29.80
CA ASN D 78 40.63 34.06 -29.86
C ASN D 78 39.90 34.29 -28.54
N TRP D 79 40.07 33.37 -27.60
CA TRP D 79 39.43 33.47 -26.29
C TRP D 79 40.31 32.78 -25.24
N ASN D 80 40.99 33.59 -24.44
CA ASN D 80 41.90 33.06 -23.43
C ASN D 80 41.72 33.74 -22.08
N PRO D 81 40.53 33.63 -21.49
CA PRO D 81 40.29 34.29 -20.18
C PRO D 81 41.23 33.82 -19.07
N VAL D 82 41.48 32.52 -19.00
CA VAL D 82 42.35 31.97 -17.97
C VAL D 82 43.81 31.80 -18.42
N THR D 83 44.00 31.05 -19.50
CA THR D 83 45.34 30.77 -20.03
C THR D 83 46.24 31.99 -20.29
N GLU D 84 45.66 33.14 -20.63
CA GLU D 84 46.48 34.31 -20.91
C GLU D 84 47.23 34.77 -19.67
N LYS D 85 46.74 34.34 -18.51
CA LYS D 85 47.37 34.71 -17.24
C LYS D 85 48.56 33.82 -16.91
N TYR D 86 48.70 32.74 -17.66
CA TYR D 86 49.79 31.79 -17.45
C TYR D 86 50.82 31.75 -18.58
N VAL D 87 50.84 32.77 -19.41
CA VAL D 87 51.81 32.81 -20.51
C VAL D 87 53.23 32.73 -19.95
N GLY D 88 54.05 31.86 -20.53
CA GLY D 88 55.41 31.71 -20.05
C GLY D 88 55.46 30.91 -18.76
N ASN D 89 54.36 30.25 -18.44
CA ASN D 89 54.24 29.44 -17.22
C ASN D 89 53.53 28.13 -17.57
N THR D 90 53.03 27.42 -16.56
CA THR D 90 52.35 26.14 -16.77
C THR D 90 51.01 26.00 -16.05
N MET D 91 50.23 25.02 -16.49
CA MET D 91 48.91 24.71 -15.93
C MET D 91 48.71 23.19 -15.90
N THR D 92 48.04 22.68 -14.86
CA THR D 92 47.78 21.24 -14.77
C THR D 92 46.55 20.89 -15.59
N LEU D 93 46.43 19.61 -15.96
CA LEU D 93 45.29 19.17 -16.76
C LEU D 93 43.97 19.44 -16.01
N ALA D 94 44.05 19.50 -14.68
CA ALA D 94 42.88 19.78 -13.86
C ALA D 94 42.52 21.25 -14.05
N GLU D 95 43.51 22.12 -13.92
CA GLU D 95 43.29 23.54 -14.10
C GLU D 95 42.79 23.79 -15.52
N LEU D 96 43.40 23.13 -16.49
CA LEU D 96 43.02 23.28 -17.90
C LEU D 96 41.59 22.82 -18.15
N SER D 97 41.20 21.71 -17.53
CA SER D 97 39.85 21.18 -17.68
C SER D 97 38.84 22.14 -17.08
N ALA D 98 39.19 22.69 -15.91
CA ALA D 98 38.34 23.63 -15.20
C ALA D 98 38.13 24.90 -16.00
N ALA D 99 39.23 25.44 -16.53
CA ALA D 99 39.18 26.66 -17.32
C ALA D 99 38.29 26.50 -18.55
N THR D 100 38.47 25.42 -19.29
CA THR D 100 37.68 25.19 -20.50
C THR D 100 36.19 24.96 -20.21
N LEU D 101 35.88 24.34 -19.07
CA LEU D 101 34.48 24.06 -18.74
C LEU D 101 33.72 25.21 -18.08
N GLN D 102 34.41 25.98 -17.25
CA GLN D 102 33.75 27.06 -16.52
C GLN D 102 33.89 28.46 -17.12
N TYR D 103 34.85 28.63 -18.02
CA TYR D 103 35.05 29.92 -18.68
C TYR D 103 35.08 29.70 -20.19
N SER D 104 34.97 28.45 -20.60
CA SER D 104 34.99 28.06 -22.01
C SER D 104 36.26 28.52 -22.72
N ASP D 105 37.38 28.54 -21.98
CA ASP D 105 38.66 28.97 -22.53
C ASP D 105 39.01 28.08 -23.72
N ASN D 106 39.24 28.70 -24.88
CA ASN D 106 39.58 27.96 -26.10
C ASN D 106 41.00 27.41 -26.14
N THR D 107 41.94 28.15 -25.58
CA THR D 107 43.33 27.72 -25.55
C THR D 107 43.41 26.47 -24.70
N ALA D 108 42.65 26.48 -23.59
CA ALA D 108 42.65 25.34 -22.69
C ALA D 108 42.14 24.12 -23.45
N MET D 109 41.07 24.31 -24.23
CA MET D 109 40.49 23.21 -25.00
C MET D 109 41.51 22.54 -25.91
N ASN D 110 42.36 23.35 -26.55
CA ASN D 110 43.36 22.80 -27.46
C ASN D 110 44.48 22.04 -26.75
N LYS D 111 44.76 22.43 -25.50
CA LYS D 111 45.78 21.75 -24.71
C LYS D 111 45.29 20.36 -24.34
N LEU D 112 44.00 20.25 -24.04
CA LEU D 112 43.44 18.94 -23.71
C LEU D 112 43.44 18.04 -24.95
N LEU D 113 43.04 18.60 -26.10
CA LEU D 113 43.01 17.81 -27.35
C LEU D 113 44.41 17.33 -27.68
N ALA D 114 45.38 18.23 -27.53
CA ALA D 114 46.78 17.92 -27.79
C ALA D 114 47.20 16.79 -26.85
N HIS D 115 46.78 16.87 -25.59
CA HIS D 115 47.12 15.83 -24.62
C HIS D 115 46.49 14.49 -24.99
N LEU D 116 45.22 14.51 -25.38
CA LEU D 116 44.50 13.29 -25.76
C LEU D 116 44.93 12.74 -27.13
N GLY D 117 45.69 13.53 -27.89
CA GLY D 117 46.15 13.10 -29.20
C GLY D 117 45.25 13.45 -30.38
N GLY D 118 44.33 14.39 -30.18
CA GLY D 118 43.44 14.78 -31.26
C GLY D 118 41.95 14.56 -30.98
N PRO D 119 41.07 15.16 -31.80
CA PRO D 119 39.61 15.04 -31.69
C PRO D 119 39.09 13.62 -31.94
N GLY D 120 39.82 12.87 -32.78
CA GLY D 120 39.40 11.52 -33.08
C GLY D 120 39.29 10.66 -31.83
N ASN D 121 40.12 10.97 -30.85
CA ASN D 121 40.14 10.25 -29.58
C ASN D 121 38.91 10.54 -28.75
N VAL D 122 38.42 11.77 -28.82
CA VAL D 122 37.22 12.17 -28.09
C VAL D 122 36.07 11.35 -28.68
N THR D 123 36.03 11.28 -30.00
CA THR D 123 35.01 10.53 -30.72
C THR D 123 35.04 9.07 -30.27
N ALA D 124 36.25 8.51 -30.19
CA ALA D 124 36.41 7.13 -29.76
C ALA D 124 35.83 6.96 -28.35
N PHE D 125 36.18 7.90 -27.47
CA PHE D 125 35.67 7.87 -26.10
C PHE D 125 34.14 7.78 -26.13
N ALA D 126 33.52 8.62 -26.95
CA ALA D 126 32.06 8.66 -27.08
C ALA D 126 31.55 7.29 -27.52
N ARG D 127 32.22 6.70 -28.49
CA ARG D 127 31.81 5.38 -28.98
C ARG D 127 31.96 4.37 -27.83
N SER D 128 32.94 4.56 -26.95
CA SER D 128 33.11 3.60 -25.85
C SER D 128 32.03 3.66 -24.75
N ILE D 129 31.18 4.70 -24.77
CA ILE D 129 30.10 4.79 -23.77
C ILE D 129 28.73 4.63 -24.42
N GLY D 130 28.71 4.19 -25.69
CA GLY D 130 27.45 3.98 -26.38
C GLY D 130 26.93 5.10 -27.25
N ASP D 131 27.72 6.14 -27.46
CA ASP D 131 27.28 7.26 -28.29
C ASP D 131 27.76 7.08 -29.74
N THR D 132 26.85 6.76 -30.66
CA THR D 132 27.24 6.58 -32.06
C THR D 132 26.92 7.78 -32.95
N THR D 133 26.36 8.82 -32.35
CA THR D 133 26.00 10.03 -33.11
C THR D 133 27.08 11.10 -33.00
N PHE D 134 27.60 11.28 -31.80
CA PHE D 134 28.62 12.26 -31.51
C PHE D 134 29.89 12.09 -32.34
N ARG D 135 30.48 13.22 -32.74
CA ARG D 135 31.73 13.18 -33.47
C ARG D 135 32.43 14.53 -33.34
N LEU D 136 33.75 14.48 -33.13
CA LEU D 136 34.58 15.70 -33.02
C LEU D 136 35.62 15.61 -34.13
N ASP D 137 35.74 16.69 -34.92
CA ASP D 137 36.67 16.69 -36.04
C ASP D 137 37.80 17.73 -36.04
N ARG D 138 37.60 18.88 -35.40
CA ARG D 138 38.63 19.92 -35.41
C ARG D 138 38.86 20.48 -34.02
N LYS D 139 39.83 21.37 -33.90
CA LYS D 139 40.10 22.00 -32.62
C LYS D 139 39.61 23.45 -32.64
N GLU D 140 40.04 24.26 -31.67
CA GLU D 140 39.60 25.65 -31.61
C GLU D 140 40.50 26.55 -32.46
N PRO D 141 39.92 27.58 -33.09
CA PRO D 141 38.48 27.92 -33.05
C PRO D 141 37.63 27.33 -34.18
N GLU D 142 38.28 26.73 -35.17
CA GLU D 142 37.61 26.14 -36.34
C GLU D 142 36.36 25.28 -36.11
N LEU D 143 36.29 24.57 -35.00
CA LEU D 143 35.14 23.70 -34.73
C LEU D 143 33.82 24.43 -34.49
N ASN D 144 33.83 25.77 -34.58
CA ASN D 144 32.61 26.54 -34.37
C ASN D 144 32.02 27.11 -35.68
N THR D 145 32.55 26.73 -36.85
CA THR D 145 32.04 27.23 -38.12
C THR D 145 30.53 26.99 -38.26
N ALA D 146 30.05 25.86 -37.74
CA ALA D 146 28.63 25.52 -37.77
C ALA D 146 27.95 25.74 -39.12
N ILE D 147 28.62 25.36 -40.20
CA ILE D 147 28.08 25.53 -41.53
C ILE D 147 26.87 24.61 -41.77
N PRO D 148 25.74 25.17 -42.22
CA PRO D 148 24.54 24.38 -42.47
C PRO D 148 24.85 23.20 -43.39
N GLY D 149 24.31 22.04 -43.07
CA GLY D 149 24.56 20.86 -43.89
C GLY D 149 25.87 20.14 -43.63
N ASP D 150 26.76 20.72 -42.82
CA ASP D 150 28.04 20.11 -42.51
C ASP D 150 27.86 19.21 -41.28
N GLU D 151 28.45 18.03 -41.32
CA GLU D 151 28.33 17.09 -40.20
C GLU D 151 29.48 17.12 -39.20
N ARG D 152 30.59 17.74 -39.57
CA ARG D 152 31.75 17.84 -38.69
C ARG D 152 31.37 18.47 -37.36
N ASP D 153 31.90 17.91 -36.28
CA ASP D 153 31.67 18.43 -34.93
C ASP D 153 30.20 18.58 -34.53
N THR D 154 29.37 17.60 -34.88
CA THR D 154 27.95 17.67 -34.56
C THR D 154 27.48 16.47 -33.76
N THR D 155 26.23 16.54 -33.31
CA THR D 155 25.58 15.46 -32.57
C THR D 155 24.10 15.81 -32.51
N SER D 156 23.26 14.87 -32.07
CA SER D 156 21.84 15.14 -31.97
C SER D 156 21.46 15.45 -30.53
N PRO D 157 20.37 16.19 -30.31
CA PRO D 157 19.95 16.53 -28.95
C PRO D 157 19.72 15.30 -28.08
N LEU D 158 18.97 14.33 -28.57
CA LEU D 158 18.69 13.14 -27.77
C LEU D 158 19.94 12.35 -27.44
N ALA D 159 20.90 12.32 -28.37
CA ALA D 159 22.14 11.57 -28.14
C ALA D 159 23.08 12.28 -27.17
N MET D 160 23.02 13.61 -27.11
CA MET D 160 23.88 14.35 -26.19
C MET D 160 23.23 14.30 -24.82
N ALA D 161 21.91 14.25 -24.80
CA ALA D 161 21.17 14.18 -23.54
C ALA D 161 21.44 12.85 -22.85
N LYS D 162 21.49 11.76 -23.62
CA LYS D 162 21.74 10.44 -23.06
C LYS D 162 23.16 10.28 -22.55
N SER D 163 24.12 10.78 -23.32
CA SER D 163 25.53 10.72 -22.94
C SER D 163 25.79 11.56 -21.68
N LEU D 164 25.13 12.71 -21.58
CA LEU D 164 25.33 13.56 -20.43
C LEU D 164 24.77 12.84 -19.20
N ARG D 165 23.67 12.11 -19.39
CA ARG D 165 23.08 11.37 -18.28
C ARG D 165 24.05 10.27 -17.86
N LYS D 166 24.56 9.54 -18.84
CA LYS D 166 25.51 8.47 -18.56
C LYS D 166 26.74 8.95 -17.80
N LEU D 167 27.27 10.11 -18.19
CA LEU D 167 28.46 10.66 -17.56
C LEU D 167 28.24 11.22 -16.15
N THR D 168 27.17 11.98 -15.96
CA THR D 168 26.92 12.59 -14.65
C THR D 168 26.07 11.82 -13.65
N LEU D 169 25.19 10.93 -14.13
CA LEU D 169 24.31 10.16 -13.26
C LEU D 169 24.48 8.66 -13.39
N GLY D 170 24.97 8.22 -14.54
CA GLY D 170 25.14 6.81 -14.80
C GLY D 170 26.47 6.23 -14.36
N ASP D 171 26.97 5.26 -15.13
CA ASP D 171 28.23 4.59 -14.81
C ASP D 171 29.35 4.78 -15.83
N ALA D 172 29.17 5.71 -16.76
CA ALA D 172 30.20 5.95 -17.78
C ALA D 172 31.53 6.33 -17.12
N LEU D 173 31.46 6.90 -15.92
CA LEU D 173 32.65 7.28 -15.16
C LEU D 173 32.56 6.61 -13.79
N ALA D 174 33.67 6.64 -13.05
CA ALA D 174 33.70 6.06 -11.72
C ALA D 174 33.37 7.19 -10.74
N GLY D 175 32.88 6.82 -9.56
CA GLY D 175 32.52 7.80 -8.55
C GLY D 175 33.32 9.10 -8.47
N PRO D 176 34.63 9.05 -8.15
CA PRO D 176 35.47 10.25 -8.07
C PRO D 176 35.39 11.12 -9.33
N GLN D 177 35.65 10.50 -10.47
CA GLN D 177 35.59 11.21 -11.73
C GLN D 177 34.19 11.76 -12.02
N ARG D 178 33.15 11.01 -11.66
CA ARG D 178 31.77 11.44 -11.86
C ARG D 178 31.48 12.70 -11.02
N ALA D 179 31.89 12.67 -9.75
CA ALA D 179 31.69 13.80 -8.83
C ALA D 179 32.44 15.04 -9.29
N GLN D 180 33.60 14.84 -9.89
CA GLN D 180 34.41 15.97 -10.37
C GLN D 180 33.74 16.68 -11.55
N LEU D 181 33.15 15.89 -12.44
CA LEU D 181 32.46 16.46 -13.61
C LEU D 181 31.18 17.18 -13.19
N VAL D 182 30.48 16.65 -12.20
CA VAL D 182 29.25 17.28 -11.73
C VAL D 182 29.58 18.61 -11.06
N ASP D 183 30.69 18.63 -10.34
CA ASP D 183 31.13 19.83 -9.63
C ASP D 183 31.57 20.89 -10.63
N TRP D 184 32.38 20.51 -11.62
CA TRP D 184 32.84 21.45 -12.63
C TRP D 184 31.64 22.08 -13.38
N LEU D 185 30.62 21.28 -13.67
CA LEU D 185 29.45 21.76 -14.39
C LEU D 185 28.64 22.73 -13.54
N LYS D 186 28.54 22.43 -12.25
CA LYS D 186 27.81 23.26 -11.32
C LYS D 186 28.48 24.62 -11.15
N GLY D 187 29.78 24.65 -11.36
CA GLY D 187 30.52 25.90 -11.22
C GLY D 187 30.75 26.68 -12.50
N ASN D 188 29.91 26.42 -13.50
CA ASN D 188 30.05 27.13 -14.78
C ASN D 188 29.64 28.58 -14.61
N THR D 189 30.43 29.49 -15.19
CA THR D 189 30.16 30.90 -15.08
C THR D 189 29.49 31.54 -16.31
N THR D 190 29.30 30.79 -17.38
CA THR D 190 28.71 31.34 -18.61
C THR D 190 27.24 31.01 -18.90
N GLY D 191 26.58 30.23 -18.05
CA GLY D 191 25.20 29.88 -18.33
C GLY D 191 24.09 30.71 -17.70
N GLY D 192 24.42 31.87 -17.16
CA GLY D 192 23.40 32.67 -16.53
C GLY D 192 22.22 33.16 -17.35
N GLN D 193 22.35 33.28 -18.68
CA GLN D 193 21.26 33.77 -19.54
C GLN D 193 20.62 32.68 -20.37
N SER D 194 21.11 31.47 -20.25
CA SER D 194 20.54 30.39 -21.04
C SER D 194 19.54 29.53 -20.26
N ILE D 195 19.76 28.21 -20.21
CA ILE D 195 18.83 27.31 -19.53
C ILE D 195 18.45 27.75 -18.11
N ARG D 196 19.44 28.17 -17.33
CA ARG D 196 19.22 28.63 -15.95
C ARG D 196 18.17 29.74 -15.90
N ALA D 197 18.24 30.66 -16.86
CA ALA D 197 17.32 31.79 -16.90
C ALA D 197 15.84 31.39 -17.03
N GLY D 198 15.56 30.16 -17.43
CA GLY D 198 14.19 29.73 -17.57
C GLY D 198 13.74 28.82 -16.44
N LEU D 199 14.50 28.79 -15.35
CA LEU D 199 14.16 27.93 -14.22
C LEU D 199 14.01 28.68 -12.89
N PRO D 200 13.25 28.10 -11.95
CA PRO D 200 13.05 28.72 -10.63
C PRO D 200 14.43 28.98 -10.03
N ALA D 201 14.63 30.17 -9.51
CA ALA D 201 15.92 30.56 -8.96
C ALA D 201 16.60 29.64 -7.93
N HIS D 202 15.82 28.88 -7.16
CA HIS D 202 16.44 28.01 -6.15
C HIS D 202 16.80 26.59 -6.63
N TRP D 203 16.54 26.29 -7.90
CA TRP D 203 16.87 24.97 -8.46
C TRP D 203 18.39 24.87 -8.66
N VAL D 204 18.94 23.67 -8.52
CA VAL D 204 20.39 23.46 -8.68
C VAL D 204 20.74 22.99 -10.10
N VAL D 205 21.76 23.62 -10.70
CA VAL D 205 22.11 23.30 -12.08
C VAL D 205 23.62 23.21 -12.40
N GLY D 206 23.93 22.30 -13.29
CA GLY D 206 25.26 22.12 -13.82
C GLY D 206 25.05 22.21 -15.34
N ASP D 207 25.86 22.99 -16.04
CA ASP D 207 25.68 23.14 -17.49
C ASP D 207 26.91 23.60 -18.25
N LYS D 208 26.83 23.48 -19.57
CA LYS D 208 27.90 23.93 -20.46
C LYS D 208 27.30 24.58 -21.71
N THR D 209 27.60 25.86 -21.90
CA THR D 209 27.11 26.61 -23.03
C THR D 209 27.96 26.42 -24.27
N GLY D 210 27.45 26.93 -25.39
CA GLY D 210 28.15 26.83 -26.66
C GLY D 210 27.71 27.96 -27.57
N ALA D 211 28.64 28.49 -28.35
CA ALA D 211 28.33 29.59 -29.26
C ALA D 211 29.27 29.56 -30.45
N GLY D 212 28.72 29.76 -31.64
CA GLY D 212 29.53 29.75 -32.85
C GLY D 212 28.88 30.58 -33.94
N ASP D 213 29.33 30.41 -35.18
CA ASP D 213 28.77 31.15 -36.28
C ASP D 213 27.34 30.73 -36.55
N TYR D 214 26.70 31.40 -37.51
CA TYR D 214 25.31 31.14 -37.85
C TYR D 214 24.44 31.30 -36.62
N GLY D 215 24.92 32.15 -35.71
CA GLY D 215 24.20 32.42 -34.48
C GLY D 215 23.80 31.18 -33.70
N THR D 216 24.63 30.15 -33.76
CA THR D 216 24.34 28.92 -33.05
C THR D 216 24.55 29.18 -31.56
N THR D 217 23.50 28.96 -30.80
CA THR D 217 23.51 29.20 -29.36
C THR D 217 23.05 27.92 -28.68
N ASN D 218 23.93 27.29 -27.92
CA ASN D 218 23.59 26.03 -27.25
C ASN D 218 23.82 26.00 -25.74
N ASP D 219 23.30 24.94 -25.13
CA ASP D 219 23.44 24.71 -23.70
C ASP D 219 22.92 23.31 -23.39
N ILE D 220 23.66 22.60 -22.53
CA ILE D 220 23.26 21.26 -22.11
C ILE D 220 23.39 21.26 -20.59
N ALA D 221 22.49 20.57 -19.90
CA ALA D 221 22.58 20.59 -18.46
C ALA D 221 21.83 19.52 -17.67
N VAL D 222 22.22 19.39 -16.40
CA VAL D 222 21.62 18.48 -15.45
C VAL D 222 20.93 19.38 -14.44
N ILE D 223 19.64 19.14 -14.20
CA ILE D 223 18.85 19.98 -13.32
C ILE D 223 18.22 19.21 -12.18
N TRP D 224 18.32 19.76 -10.98
CA TRP D 224 17.74 19.13 -9.81
C TRP D 224 16.68 20.10 -9.27
N PRO D 225 15.39 19.81 -9.55
CA PRO D 225 14.28 20.65 -9.09
C PRO D 225 13.92 20.26 -7.66
N GLU D 226 14.39 21.06 -6.70
CA GLU D 226 14.13 20.80 -5.29
C GLU D 226 14.56 19.36 -4.95
N ASP D 227 13.69 18.61 -4.27
CA ASP D 227 14.02 17.24 -3.90
C ASP D 227 13.50 16.14 -4.85
N ARG D 228 13.18 16.51 -6.09
CA ARG D 228 12.66 15.55 -7.08
C ARG D 228 13.75 14.96 -7.97
N ALA D 229 13.41 13.93 -8.72
CA ALA D 229 14.37 13.28 -9.62
C ALA D 229 14.94 14.29 -10.60
N PRO D 230 16.26 14.22 -10.86
CA PRO D 230 16.92 15.14 -11.79
C PRO D 230 16.44 15.01 -13.23
N LEU D 231 16.64 16.07 -14.01
CA LEU D 231 16.24 16.10 -15.41
C LEU D 231 17.47 16.45 -16.26
N VAL D 232 17.63 15.76 -17.38
CA VAL D 232 18.74 16.02 -18.29
C VAL D 232 18.15 16.75 -19.50
N LEU D 233 18.63 17.96 -19.75
CA LEU D 233 18.09 18.76 -20.83
C LEU D 233 19.08 19.29 -21.84
N VAL D 234 18.74 19.13 -23.12
CA VAL D 234 19.59 19.64 -24.18
C VAL D 234 18.78 20.60 -25.06
N THR D 235 19.28 21.82 -25.23
CA THR D 235 18.63 22.82 -26.05
C THR D 235 19.63 23.36 -27.07
N TYR D 236 19.40 23.02 -28.32
CA TYR D 236 20.27 23.42 -29.40
C TYR D 236 19.54 24.41 -30.32
N PHE D 237 20.26 25.38 -30.87
CA PHE D 237 19.62 26.36 -31.74
C PHE D 237 20.59 26.97 -32.72
N THR D 238 20.20 27.01 -33.99
CA THR D 238 21.06 27.58 -35.00
C THR D 238 20.21 28.41 -35.96
N GLN D 239 20.85 29.34 -36.67
CA GLN D 239 20.12 30.23 -37.56
C GLN D 239 20.61 30.22 -39.01
N PRO D 240 19.87 30.85 -39.94
CA PRO D 240 20.18 30.95 -41.37
C PRO D 240 21.33 31.87 -41.78
N GLN D 241 21.51 32.98 -41.06
CA GLN D 241 22.58 33.92 -41.39
C GLN D 241 23.87 33.58 -40.68
N GLN D 242 24.97 33.59 -41.42
CA GLN D 242 26.27 33.26 -40.84
C GLN D 242 26.60 34.19 -39.68
N ASP D 243 26.31 35.47 -39.85
CA ASP D 243 26.59 36.47 -38.82
C ASP D 243 25.44 36.80 -37.87
N ALA D 244 24.48 35.89 -37.74
CA ALA D 244 23.35 36.15 -36.86
C ALA D 244 23.82 36.27 -35.41
N LYS D 245 23.10 37.06 -34.64
CA LYS D 245 23.44 37.26 -33.23
C LYS D 245 22.91 36.10 -32.40
N TRP D 246 23.56 35.83 -31.28
CA TRP D 246 23.17 34.74 -30.40
C TRP D 246 21.85 35.00 -29.67
N ARG D 247 21.08 33.94 -29.46
CA ARG D 247 19.78 34.02 -28.81
C ARG D 247 19.67 33.15 -27.56
N LYS D 248 20.43 33.49 -26.53
CA LYS D 248 20.40 32.74 -25.28
C LYS D 248 18.97 32.70 -24.72
N ASP D 249 18.20 33.74 -25.03
CA ASP D 249 16.82 33.85 -24.56
C ASP D 249 15.92 32.75 -25.11
N VAL D 250 16.28 32.21 -26.27
CA VAL D 250 15.47 31.14 -26.88
C VAL D 250 15.62 29.86 -26.07
N LEU D 251 16.84 29.58 -25.62
CA LEU D 251 17.10 28.37 -24.82
C LEU D 251 16.40 28.49 -23.47
N ALA D 252 16.40 29.69 -22.92
CA ALA D 252 15.75 29.93 -21.64
C ALA D 252 14.24 29.69 -21.78
N ALA D 253 13.66 30.18 -22.88
CA ALA D 253 12.22 30.02 -23.11
C ALA D 253 11.87 28.55 -23.29
N ALA D 254 12.74 27.83 -23.99
CA ALA D 254 12.53 26.41 -24.22
C ALA D 254 12.63 25.66 -22.89
N ALA D 255 13.63 26.02 -22.09
CA ALA D 255 13.84 25.39 -20.79
C ALA D 255 12.59 25.51 -19.93
N LYS D 256 11.96 26.68 -19.96
CA LYS D 256 10.75 26.97 -19.19
C LYS D 256 9.55 26.12 -19.68
N ILE D 257 9.43 25.97 -20.99
CA ILE D 257 8.34 25.20 -21.58
C ILE D 257 8.31 23.73 -21.19
N VAL D 258 9.47 23.07 -21.22
CA VAL D 258 9.55 21.65 -20.90
C VAL D 258 9.78 21.27 -19.44
N THR D 259 10.20 22.22 -18.61
CA THR D 259 10.44 21.95 -17.19
C THR D 259 9.34 22.50 -16.27
N GLU D 260 8.44 23.29 -16.83
CA GLU D 260 7.36 23.88 -16.05
C GLU D 260 6.49 22.80 -15.39
N GLY D 261 6.34 22.90 -14.08
CA GLY D 261 5.55 21.93 -13.36
C GLY D 261 6.30 20.64 -13.04
N LYS D 262 7.62 20.62 -13.26
CA LYS D 262 8.42 19.43 -12.97
C LYS D 262 8.99 19.54 -11.55
S SCN E . -12.10 0.76 34.46
C SCN E . -12.54 2.41 34.27
N SCN E . -12.81 3.52 34.13
#